data_9OAY
#
_entry.id   9OAY
#
_cell.length_a   77.713
_cell.length_b   101.530
_cell.length_c   110.675
_cell.angle_alpha   90.000
_cell.angle_beta   90.000
_cell.angle_gamma   90.000
#
_symmetry.space_group_name_H-M   'P 21 21 21'
#
loop_
_entity.id
_entity.type
_entity.pdbx_description
1 polymer '8-64, TNA polymerase'
2 polymer Template
3 polymer Primer
4 non-polymer '[(3~{S},4~{R},5~{R})-5-(6-aminopurin-9-yl)-4-oxidanyl-oxolan-3-yl] [oxidanyl(phosphonooxy)phosphoryl] hydrogen phosphate'
5 non-polymer 'MAGNESIUM ION'
6 non-polymer 'IODIDE ION'
7 non-polymer 'CHLORIDE ION'
8 water water
#
loop_
_entity_poly.entity_id
_entity_poly.type
_entity_poly.pdbx_seq_one_letter_code
_entity_poly.pdbx_strand_id
1 'polypeptide(L)'
;MILDTDYITEDGKPVIRIFKKENGEFKIEYDRTFEPYFYALLKDDSAIEEVKKITAERHGTVVTVKRVEKVQKKFLGRPV
EVWKLYFTHPQDVPAIRDRIRAHPAVVDIYEYDIPFAKRYLIDKGLIPMEGDEELTMLAFAIATLYHEGEEFAEGPILMI
SYADEEGARVITWKNVDLPYVDVVSTEREMIKRFLRVVKEKDPDVLITYNGDNFDFAYLKKRCEKLGINFALGRDGSEPK
IQRMGDRFAVEVKGRIHFDLYPVIRRTINLPTYTLEAVYEAVFGKPKEKVYAEEIAQAWETGEGLERVARYSMEDAKVTY
ELGKEFLPMEAQLSRLVGQPLWDVSRSSTGNLVEWYLLRKAYERNELAPNKPDEREYERRLRESYAGGYVKEPEKGLWEN
IVYLDFRSLYPSIIITHNVSPDTLNREGCKEYDVAPQVGHRFCKDFPGFIPSLLGDLLEERQKIKRKMKATVDPLEKKLL
DYRQRRIKILASSYYGYYGYARARWYCKECAESVTAWGRQYIETTIREIEEKFGFKVLYADTDGFFATIPGADAETVKKK
AKEFLDYINAKLPGLLELEYEGFYKRGFFVTKKKYAVIDEEDKITTGGLEIVRRGWSEIAKETQARVLEALLKDGDVEKA
VRIVKEVTEKLSKYEVPPEKLVIHEQITRDLRDYKATGPHVAVAKRLAARGVKIRPGTVISYIVLKGSGRIGDRAISFDE
FDPAKHKYDAEYYIENQVLPPVERILRACG
;
A
2 'polydeoxyribonucleotide'
;(DT)(DA)(DT)(DG)(DC)(DA)(DC)(DG)(DT)(DA)(DC)(DG)(DC)(DA)(DG)(DT)(DT)(DC)(DG)(DC)
(DG)
;
T
3 'polydeoxyribonucleotide' (DC)(DG)(DC)(DG)(DA)(DA)(DC)(DT)(DG)(DC)(DG)(YTI) P
#
loop_
_chem_comp.id
_chem_comp.type
_chem_comp.name
_chem_comp.formula
9O7 non-polymer '[(3~{S},4~{R},5~{R})-5-(6-aminopurin-9-yl)-4-oxidanyl-oxolan-3-yl] [oxidanyl(phosphonooxy)phosphoryl] hydrogen phosphate' 'C9 H14 N5 O12 P3'
CL non-polymer 'CHLORIDE ION' 'Cl -1'
DA DNA linking 2'-DEOXYADENOSINE-5'-MONOPHOSPHATE 'C10 H14 N5 O6 P'
DC DNA linking 2'-DEOXYCYTIDINE-5'-MONOPHOSPHATE 'C9 H14 N3 O7 P'
DG DNA linking 2'-DEOXYGUANOSINE-5'-MONOPHOSPHATE 'C10 H14 N5 O7 P'
DT DNA linking THYMIDINE-5'-MONOPHOSPHATE 'C10 H15 N2 O8 P'
IOD non-polymer 'IODIDE ION' 'I -1'
MG non-polymer 'MAGNESIUM ION' 'Mg 2'
YTI non-polymer '(3R,5R)-5-(5-methyl-2,4-dioxo-3,4-dihydropyrimidin-1(2H)-yl)oxolan-3-yl dihydrogen phosphate' 'C9 H13 N2 O7 P'
#
# COMPACT_ATOMS: atom_id res chain seq x y z
N MET A 1 21.73 -15.97 -0.88
CA MET A 1 20.46 -15.24 -0.95
C MET A 1 20.30 -14.58 -2.31
N ILE A 2 19.17 -14.83 -2.97
CA ILE A 2 18.89 -14.23 -4.27
C ILE A 2 18.48 -12.77 -4.07
N LEU A 3 19.18 -11.88 -4.78
CA LEU A 3 18.90 -10.44 -4.68
C LEU A 3 17.94 -9.97 -5.77
N ASP A 4 18.15 -10.41 -7.00
CA ASP A 4 17.34 -9.97 -8.14
C ASP A 4 17.69 -10.84 -9.33
N THR A 5 16.92 -10.67 -10.41
CA THR A 5 17.24 -11.27 -11.71
C THR A 5 16.93 -10.27 -12.82
N ASP A 6 17.71 -10.35 -13.88
CA ASP A 6 17.39 -9.71 -15.15
C ASP A 6 17.95 -10.59 -16.26
N TYR A 7 17.89 -10.11 -17.49
CA TYR A 7 18.55 -10.80 -18.58
C TYR A 7 19.30 -9.80 -19.46
N ILE A 8 20.39 -10.28 -20.05
CA ILE A 8 21.11 -9.57 -21.10
C ILE A 8 21.10 -10.47 -22.33
N THR A 9 21.48 -9.90 -23.47
CA THR A 9 21.48 -10.63 -24.73
C THR A 9 22.92 -10.91 -25.15
N GLU A 10 23.22 -12.18 -25.41
CA GLU A 10 24.52 -12.61 -25.89
C GLU A 10 24.32 -13.41 -27.17
N ASP A 11 24.94 -12.95 -28.26
CA ASP A 11 24.78 -13.59 -29.57
C ASP A 11 23.31 -13.81 -29.93
N GLY A 12 22.48 -12.80 -29.66
CA GLY A 12 21.07 -12.86 -29.95
C GLY A 12 20.25 -13.71 -29.02
N LYS A 13 20.87 -14.47 -28.12
CA LYS A 13 20.20 -15.35 -27.19
C LYS A 13 20.18 -14.73 -25.79
N PRO A 14 19.13 -14.97 -25.01
CA PRO A 14 19.03 -14.38 -23.69
C PRO A 14 19.87 -15.13 -22.67
N VAL A 15 20.42 -14.35 -21.73
CA VAL A 15 21.25 -14.89 -20.65
C VAL A 15 20.71 -14.34 -19.34
N ILE A 16 20.14 -15.21 -18.51
CA ILE A 16 19.64 -14.79 -17.22
C ILE A 16 20.80 -14.44 -16.31
N ARG A 17 20.69 -13.34 -15.58
CA ARG A 17 21.65 -12.94 -14.58
C ARG A 17 20.99 -13.06 -13.21
N ILE A 18 21.68 -13.70 -12.27
CA ILE A 18 21.16 -13.93 -10.93
C ILE A 18 22.09 -13.22 -9.96
N PHE A 19 21.67 -12.07 -9.44
CA PHE A 19 22.44 -11.33 -8.46
C PHE A 19 22.17 -11.91 -7.07
N LYS A 20 23.25 -12.28 -6.37
CA LYS A 20 23.12 -12.94 -5.08
C LYS A 20 24.16 -12.41 -4.11
N LYS A 21 23.88 -12.59 -2.82
CA LYS A 21 24.84 -12.36 -1.75
C LYS A 21 24.98 -13.69 -1.01
N GLU A 22 26.15 -14.31 -1.13
CA GLU A 22 26.39 -15.62 -0.56
C GLU A 22 27.65 -15.55 0.31
N ASN A 23 27.50 -15.92 1.58
CA ASN A 23 28.60 -15.90 2.55
C ASN A 23 29.24 -14.52 2.61
N GLY A 24 28.42 -13.48 2.55
CA GLY A 24 28.91 -12.12 2.64
C GLY A 24 29.59 -11.59 1.39
N GLU A 25 29.46 -12.27 0.26
CA GLU A 25 30.10 -11.86 -0.98
C GLU A 25 29.06 -11.70 -2.07
N PHE A 26 29.15 -10.59 -2.81
CA PHE A 26 28.28 -10.40 -3.95
C PHE A 26 28.71 -11.29 -5.11
N LYS A 27 27.72 -11.83 -5.83
CA LYS A 27 28.01 -12.73 -6.93
C LYS A 27 26.95 -12.59 -8.00
N ILE A 28 27.34 -12.80 -9.25
CA ILE A 28 26.43 -12.87 -10.38
C ILE A 28 26.52 -14.27 -10.96
N GLU A 29 25.39 -14.97 -10.99
CA GLU A 29 25.29 -16.24 -11.69
C GLU A 29 24.68 -16.02 -13.06
N TYR A 30 25.10 -16.85 -14.02
CA TYR A 30 24.63 -16.75 -15.39
C TYR A 30 23.94 -18.05 -15.79
N ASP A 31 22.79 -17.92 -16.45
CA ASP A 31 22.05 -19.06 -16.97
C ASP A 31 21.73 -18.77 -18.44
N ARG A 32 22.41 -19.47 -19.35
CA ARG A 32 22.16 -19.34 -20.77
C ARG A 32 21.29 -20.48 -21.32
N THR A 33 20.54 -21.16 -20.46
CA THR A 33 19.77 -22.33 -20.85
C THR A 33 18.26 -22.11 -20.85
N PHE A 34 17.79 -20.93 -20.48
CA PHE A 34 16.36 -20.68 -20.31
C PHE A 34 15.77 -20.12 -21.60
N GLU A 35 14.70 -20.75 -22.09
CA GLU A 35 14.08 -20.35 -23.35
C GLU A 35 12.73 -19.70 -23.10
N PRO A 36 12.47 -18.53 -23.68
CA PRO A 36 11.14 -17.93 -23.57
C PRO A 36 10.10 -18.78 -24.28
N TYR A 37 8.88 -18.74 -23.75
CA TYR A 37 7.81 -19.59 -24.26
C TYR A 37 6.46 -19.03 -23.85
N PHE A 38 5.43 -19.49 -24.55
CA PHE A 38 4.05 -19.39 -24.06
C PHE A 38 3.26 -20.53 -24.70
N TYR A 39 1.99 -20.63 -24.30
CA TYR A 39 1.16 -21.78 -24.65
C TYR A 39 0.10 -21.40 -25.68
N ALA A 40 -0.31 -22.40 -26.46
CA ALA A 40 -1.38 -22.23 -27.44
C ALA A 40 -2.34 -23.40 -27.36
N LEU A 41 -3.63 -23.11 -27.23
CA LEU A 41 -4.68 -24.13 -27.29
C LEU A 41 -5.16 -24.21 -28.73
N LEU A 42 -4.93 -25.35 -29.37
CA LEU A 42 -5.28 -25.57 -30.75
C LEU A 42 -6.57 -26.38 -30.86
N LYS A 43 -7.37 -26.07 -31.88
CA LYS A 43 -8.58 -26.83 -32.10
C LYS A 43 -8.27 -28.26 -32.55
N ASP A 44 -7.14 -28.46 -33.23
CA ASP A 44 -6.77 -29.76 -33.76
C ASP A 44 -5.24 -29.84 -33.81
N ASP A 45 -4.71 -31.00 -33.43
CA ASP A 45 -3.26 -31.16 -33.33
C ASP A 45 -2.57 -30.95 -34.67
N SER A 46 -3.24 -31.27 -35.78
CA SER A 46 -2.62 -31.11 -37.09
C SER A 46 -2.33 -29.66 -37.43
N ALA A 47 -3.01 -28.71 -36.78
CA ALA A 47 -2.77 -27.30 -37.03
C ALA A 47 -1.41 -26.83 -36.56
N ILE A 48 -0.68 -27.64 -35.79
CA ILE A 48 0.64 -27.24 -35.32
C ILE A 48 1.57 -26.95 -36.49
N GLU A 49 1.35 -27.62 -37.64
CA GLU A 49 2.18 -27.35 -38.81
C GLU A 49 1.89 -25.97 -39.39
N GLU A 50 0.64 -25.50 -39.28
CA GLU A 50 0.32 -24.15 -39.71
C GLU A 50 0.81 -23.12 -38.71
N VAL A 51 0.73 -23.43 -37.41
CA VAL A 51 1.15 -22.48 -36.38
C VAL A 51 2.65 -22.25 -36.47
N LYS A 52 3.42 -23.28 -36.82
CA LYS A 52 4.86 -23.12 -36.99
C LYS A 52 5.21 -22.18 -38.13
N LYS A 53 4.28 -21.94 -39.05
CA LYS A 53 4.54 -21.05 -40.18
C LYS A 53 4.38 -19.58 -39.83
N ILE A 54 3.65 -19.25 -38.76
CA ILE A 54 3.34 -17.86 -38.45
C ILE A 54 4.62 -17.12 -38.11
N THR A 55 4.86 -16.01 -38.79
CA THR A 55 6.05 -15.18 -38.58
C THR A 55 5.63 -13.77 -38.17
N ALA A 56 6.63 -13.00 -37.77
CA ALA A 56 6.47 -11.59 -37.40
C ALA A 56 7.83 -10.93 -37.53
N GLU A 57 7.87 -9.62 -37.30
CA GLU A 57 9.10 -8.86 -37.44
C GLU A 57 9.26 -7.91 -36.27
N ARG A 58 10.51 -7.57 -35.96
CA ARG A 58 10.83 -6.52 -35.01
C ARG A 58 12.20 -5.96 -35.34
N HIS A 59 12.25 -4.67 -35.68
CA HIS A 59 13.49 -3.98 -36.01
C HIS A 59 14.26 -4.71 -37.11
N GLY A 60 13.54 -5.08 -38.16
CA GLY A 60 14.13 -5.64 -39.35
C GLY A 60 14.22 -7.15 -39.38
N THR A 61 14.50 -7.79 -38.25
CA THR A 61 14.70 -9.23 -38.22
C THR A 61 13.37 -9.94 -38.06
N VAL A 62 13.21 -11.06 -38.78
CA VAL A 62 11.96 -11.80 -38.77
C VAL A 62 11.92 -12.68 -37.52
N VAL A 63 10.72 -12.80 -36.93
CA VAL A 63 10.50 -13.60 -35.75
C VAL A 63 9.79 -14.89 -36.17
N THR A 64 10.35 -16.02 -35.77
CA THR A 64 9.79 -17.33 -36.09
C THR A 64 9.52 -18.09 -34.79
N VAL A 65 8.81 -19.21 -34.93
CA VAL A 65 8.66 -20.16 -33.82
C VAL A 65 9.88 -21.06 -33.81
N LYS A 66 10.61 -21.05 -32.70
CA LYS A 66 11.85 -21.81 -32.63
C LYS A 66 11.60 -23.31 -32.45
N ARG A 67 10.58 -23.67 -31.67
CA ARG A 67 10.32 -25.06 -31.36
C ARG A 67 8.94 -25.18 -30.72
N VAL A 68 8.30 -26.33 -30.92
CA VAL A 68 7.00 -26.62 -30.33
C VAL A 68 7.05 -27.96 -29.61
N GLU A 69 6.20 -28.11 -28.60
CA GLU A 69 6.13 -29.33 -27.81
C GLU A 69 4.75 -29.41 -27.18
N LYS A 70 4.05 -30.52 -27.40
CA LYS A 70 2.71 -30.69 -26.87
C LYS A 70 2.79 -31.16 -25.42
N VAL A 71 2.17 -30.40 -24.51
CA VAL A 71 2.22 -30.70 -23.09
C VAL A 71 0.80 -30.95 -22.58
N GLN A 72 0.72 -31.62 -21.44
CA GLN A 72 -0.54 -31.84 -20.74
C GLN A 72 -0.54 -31.03 -19.45
N LYS A 73 -1.57 -30.23 -19.25
CA LYS A 73 -1.66 -29.36 -18.08
C LYS A 73 -3.09 -29.40 -17.56
N LYS A 74 -3.36 -28.56 -16.58
CA LYS A 74 -4.70 -28.39 -16.00
C LYS A 74 -5.10 -26.94 -16.11
N PHE A 75 -6.38 -26.69 -16.41
CA PHE A 75 -6.97 -25.37 -16.31
C PHE A 75 -8.10 -25.43 -15.30
N LEU A 76 -7.94 -24.72 -14.18
CA LEU A 76 -8.88 -24.80 -13.07
C LEU A 76 -9.05 -26.24 -12.60
N GLY A 77 -7.94 -26.97 -12.57
CA GLY A 77 -7.94 -28.34 -12.09
C GLY A 77 -8.55 -29.35 -13.01
N ARG A 78 -8.77 -29.01 -14.29
CA ARG A 78 -9.23 -29.97 -15.27
C ARG A 78 -8.20 -30.14 -16.36
N PRO A 79 -7.91 -31.38 -16.78
CA PRO A 79 -6.80 -31.60 -17.71
C PRO A 79 -7.04 -30.93 -19.05
N VAL A 80 -5.97 -30.39 -19.63
CA VAL A 80 -6.05 -29.70 -20.91
C VAL A 80 -4.76 -29.97 -21.68
N GLU A 81 -4.88 -30.16 -22.98
CA GLU A 81 -3.73 -30.32 -23.86
C GLU A 81 -3.47 -29.01 -24.59
N VAL A 82 -2.24 -28.51 -24.49
CA VAL A 82 -1.82 -27.29 -25.16
C VAL A 82 -0.44 -27.53 -25.76
N TRP A 83 -0.06 -26.63 -26.66
CA TRP A 83 1.25 -26.67 -27.29
C TRP A 83 2.15 -25.61 -26.68
N LYS A 84 3.31 -26.03 -26.19
CA LYS A 84 4.32 -25.11 -25.71
C LYS A 84 5.09 -24.56 -26.90
N LEU A 85 5.02 -23.24 -27.09
CA LEU A 85 5.68 -22.58 -28.21
C LEU A 85 6.96 -21.91 -27.71
N TYR A 86 8.09 -22.34 -28.23
CA TYR A 86 9.40 -21.83 -27.82
C TYR A 86 9.88 -20.77 -28.79
N PHE A 87 10.73 -19.87 -28.28
CA PHE A 87 11.25 -18.77 -29.08
C PHE A 87 12.69 -18.49 -28.68
N THR A 88 13.40 -17.82 -29.59
CA THR A 88 14.83 -17.55 -29.38
C THR A 88 15.03 -16.50 -28.30
N HIS A 89 14.44 -15.31 -28.49
CA HIS A 89 14.63 -14.18 -27.60
C HIS A 89 13.30 -13.79 -26.94
N PRO A 90 13.34 -13.28 -25.70
CA PRO A 90 12.10 -12.83 -25.06
C PRO A 90 11.35 -11.78 -25.87
N GLN A 91 12.08 -10.86 -26.53
CA GLN A 91 11.41 -9.81 -27.28
C GLN A 91 10.62 -10.35 -28.46
N ASP A 92 10.85 -11.60 -28.86
CA ASP A 92 10.04 -12.22 -29.90
C ASP A 92 8.59 -12.41 -29.46
N VAL A 93 8.37 -12.69 -28.17
CA VAL A 93 7.01 -12.98 -27.70
C VAL A 93 6.05 -11.81 -27.94
N PRO A 94 6.35 -10.58 -27.51
CA PRO A 94 5.39 -9.49 -27.78
C PRO A 94 5.16 -9.24 -29.27
N ALA A 95 6.13 -9.59 -30.11
CA ALA A 95 6.01 -9.31 -31.54
C ALA A 95 5.10 -10.29 -32.26
N ILE A 96 5.07 -11.54 -31.84
CA ILE A 96 4.39 -12.60 -32.59
C ILE A 96 3.14 -13.13 -31.90
N ARG A 97 2.93 -12.82 -30.62
CA ARG A 97 1.84 -13.47 -29.88
C ARG A 97 0.47 -13.10 -30.46
N ASP A 98 0.29 -11.85 -30.87
CA ASP A 98 -1.00 -11.43 -31.42
C ASP A 98 -1.32 -12.19 -32.70
N ARG A 99 -0.37 -12.23 -33.64
CA ARG A 99 -0.60 -12.94 -34.90
C ARG A 99 -0.84 -14.43 -34.66
N ILE A 100 -0.19 -15.00 -33.65
CA ILE A 100 -0.40 -16.40 -33.34
C ILE A 100 -1.81 -16.64 -32.80
N ARG A 101 -2.32 -15.71 -31.99
CA ARG A 101 -3.64 -15.89 -31.41
C ARG A 101 -4.74 -15.76 -32.47
N ALA A 102 -4.62 -14.80 -33.39
CA ALA A 102 -5.68 -14.54 -34.35
C ALA A 102 -5.78 -15.60 -35.42
N HIS A 103 -4.87 -16.57 -35.46
CA HIS A 103 -5.00 -17.66 -36.41
C HIS A 103 -6.30 -18.42 -36.16
N PRO A 104 -7.06 -18.75 -37.19
CA PRO A 104 -8.39 -19.37 -36.98
C PRO A 104 -8.33 -20.71 -36.28
N ALA A 105 -7.20 -21.43 -36.35
CA ALA A 105 -7.08 -22.72 -35.69
C ALA A 105 -6.59 -22.62 -34.25
N VAL A 106 -6.16 -21.43 -33.81
CA VAL A 106 -5.68 -21.24 -32.45
C VAL A 106 -6.85 -20.76 -31.60
N VAL A 107 -7.26 -21.59 -30.65
CA VAL A 107 -8.39 -21.24 -29.79
C VAL A 107 -8.02 -20.09 -28.87
N ASP A 108 -6.84 -20.17 -28.25
CA ASP A 108 -6.38 -19.13 -27.34
C ASP A 108 -4.89 -19.36 -27.07
N ILE A 109 -4.28 -18.37 -26.41
CA ILE A 109 -2.90 -18.46 -25.97
C ILE A 109 -2.85 -18.06 -24.49
N TYR A 110 -1.81 -18.53 -23.81
CA TYR A 110 -1.71 -18.35 -22.36
C TYR A 110 -0.27 -18.04 -21.96
N GLU A 111 -0.14 -17.37 -20.82
CA GLU A 111 1.14 -17.09 -20.19
C GLU A 111 2.12 -16.47 -21.17
N TYR A 112 1.62 -15.48 -21.91
CA TYR A 112 2.35 -14.81 -22.98
C TYR A 112 2.88 -13.44 -22.61
N ASP A 113 2.67 -13.00 -21.37
CA ASP A 113 3.09 -11.68 -20.92
C ASP A 113 3.77 -11.77 -19.56
N ILE A 114 4.60 -12.81 -19.37
CA ILE A 114 5.37 -12.97 -18.16
C ILE A 114 6.79 -12.48 -18.44
N PRO A 115 7.25 -11.42 -17.78
CA PRO A 115 8.63 -10.95 -17.98
C PRO A 115 9.63 -12.09 -17.81
N PHE A 116 10.57 -12.16 -18.75
CA PHE A 116 11.50 -13.30 -18.84
C PHE A 116 12.21 -13.56 -17.52
N ALA A 117 12.69 -12.50 -16.87
CA ALA A 117 13.47 -12.68 -15.64
C ALA A 117 12.60 -13.14 -14.48
N LYS A 118 11.34 -12.70 -14.43
CA LYS A 118 10.45 -13.16 -13.37
C LYS A 118 9.86 -14.53 -13.70
N ARG A 119 9.65 -14.81 -14.98
CA ARG A 119 9.33 -16.18 -15.41
C ARG A 119 10.41 -17.15 -14.93
N TYR A 120 11.68 -16.72 -14.95
CA TYR A 120 12.77 -17.58 -14.52
C TYR A 120 12.68 -17.89 -13.04
N LEU A 121 12.38 -16.89 -12.21
CA LEU A 121 12.31 -17.12 -10.77
C LEU A 121 11.23 -18.15 -10.43
N ILE A 122 10.11 -18.12 -11.15
CA ILE A 122 9.04 -19.08 -10.91
C ILE A 122 9.44 -20.46 -11.42
N ASP A 123 9.81 -20.55 -12.70
CA ASP A 123 10.00 -21.85 -13.34
C ASP A 123 11.08 -22.67 -12.64
N LYS A 124 12.20 -22.04 -12.30
CA LYS A 124 13.26 -22.73 -11.59
C LYS A 124 13.05 -22.72 -10.08
N GLY A 125 11.94 -22.15 -9.61
CA GLY A 125 11.57 -22.21 -8.20
C GLY A 125 12.49 -21.48 -7.23
N LEU A 126 13.04 -20.34 -7.64
CA LEU A 126 13.89 -19.56 -6.76
C LEU A 126 13.05 -18.60 -5.93
N ILE A 127 13.48 -18.38 -4.69
CA ILE A 127 12.81 -17.46 -3.78
C ILE A 127 13.80 -16.38 -3.35
N PRO A 128 13.60 -15.13 -3.77
CA PRO A 128 14.51 -14.05 -3.35
C PRO A 128 14.44 -13.83 -1.85
N MET A 129 15.51 -13.20 -1.34
CA MET A 129 15.61 -12.80 0.07
C MET A 129 15.48 -13.98 1.02
N GLU A 130 15.80 -15.18 0.55
CA GLU A 130 15.79 -16.37 1.37
C GLU A 130 17.21 -16.69 1.83
N GLY A 131 17.34 -17.12 3.08
CA GLY A 131 18.63 -17.44 3.66
C GLY A 131 19.03 -16.44 4.73
N ASP A 132 20.09 -16.80 5.45
CA ASP A 132 20.58 -16.01 6.58
C ASP A 132 21.84 -15.26 6.14
N GLU A 133 21.62 -14.14 5.44
CA GLU A 133 22.70 -13.25 5.03
C GLU A 133 22.35 -11.84 5.47
N GLU A 134 23.31 -11.17 6.10
CA GLU A 134 23.12 -9.78 6.50
C GLU A 134 23.42 -8.87 5.32
N LEU A 135 22.48 -8.00 4.98
CA LEU A 135 22.63 -7.06 3.88
C LEU A 135 23.07 -5.71 4.40
N THR A 136 24.01 -5.09 3.69
CA THR A 136 24.51 -3.78 4.03
C THR A 136 23.63 -2.72 3.39
N MET A 137 23.31 -1.68 4.16
CA MET A 137 22.41 -0.63 3.72
C MET A 137 23.07 0.74 3.86
N LEU A 138 22.71 1.64 2.95
CA LEU A 138 23.23 3.01 2.97
C LEU A 138 22.13 3.93 2.46
N ALA A 139 21.70 4.86 3.31
CA ALA A 139 20.70 5.83 2.91
C ALA A 139 21.38 7.09 2.40
N PHE A 140 20.66 7.85 1.58
CA PHE A 140 21.16 9.13 1.12
C PHE A 140 19.99 10.01 0.72
N ALA A 141 20.25 11.32 0.73
CA ALA A 141 19.28 12.33 0.31
C ALA A 141 20.04 13.50 -0.28
N ILE A 142 19.38 14.24 -1.16
CA ILE A 142 19.99 15.42 -1.77
C ILE A 142 19.12 16.63 -1.45
N ALA A 143 19.78 17.78 -1.39
CA ALA A 143 19.11 19.06 -1.21
C ALA A 143 19.22 19.85 -2.51
N THR A 144 18.08 20.28 -3.04
CA THR A 144 18.03 20.92 -4.34
C THR A 144 17.04 22.08 -4.31
N LEU A 145 17.46 23.23 -4.83
CA LEU A 145 16.59 24.39 -4.92
C LEU A 145 15.77 24.34 -6.20
N TYR A 146 14.66 25.08 -6.20
CA TYR A 146 13.75 25.09 -7.35
C TYR A 146 12.99 26.41 -7.33
N HIS A 147 13.29 27.29 -8.29
CA HIS A 147 12.57 28.54 -8.41
C HIS A 147 11.20 28.31 -9.01
N GLU A 148 10.42 29.37 -9.16
CA GLU A 148 9.10 29.30 -9.77
C GLU A 148 9.28 29.39 -11.29
N GLY A 149 9.22 28.25 -11.96
CA GLY A 149 9.41 28.18 -13.40
C GLY A 149 10.64 27.40 -13.84
N GLU A 150 11.43 26.89 -12.91
CA GLU A 150 12.62 26.11 -13.28
C GLU A 150 12.22 24.70 -13.68
N GLU A 151 12.88 24.20 -14.72
CA GLU A 151 12.60 22.86 -15.22
C GLU A 151 13.34 21.83 -14.36
N PHE A 152 13.22 20.56 -14.76
CA PHE A 152 13.86 19.47 -14.02
C PHE A 152 15.36 19.43 -14.31
N ALA A 153 16.15 19.14 -13.27
CA ALA A 153 17.60 18.99 -13.28
C ALA A 153 18.35 20.24 -13.73
N GLU A 154 17.66 21.37 -13.97
CA GLU A 154 18.34 22.58 -14.38
C GLU A 154 19.01 23.29 -13.21
N GLY A 155 18.61 23.00 -11.98
CA GLY A 155 19.23 23.57 -10.81
C GLY A 155 20.32 22.68 -10.26
N PRO A 156 21.32 23.27 -9.65
CA PRO A 156 22.41 22.48 -9.06
C PRO A 156 21.98 21.81 -7.77
N ILE A 157 22.55 20.64 -7.52
CA ILE A 157 22.41 20.02 -6.21
C ILE A 157 23.29 20.76 -5.22
N LEU A 158 22.73 21.14 -4.09
CA LEU A 158 23.47 21.91 -3.10
C LEU A 158 24.22 20.99 -2.13
N MET A 159 23.62 19.86 -1.78
CA MET A 159 24.14 19.00 -0.73
C MET A 159 23.76 17.55 -1.02
N ILE A 160 24.66 16.63 -0.71
CA ILE A 160 24.40 15.19 -0.80
C ILE A 160 24.75 14.58 0.55
N SER A 161 23.73 14.16 1.30
CA SER A 161 23.93 13.55 2.60
C SER A 161 23.70 12.04 2.51
N TYR A 162 24.35 11.30 3.40
CA TYR A 162 24.24 9.86 3.42
C TYR A 162 24.42 9.36 4.85
N ALA A 163 23.91 8.16 5.11
CA ALA A 163 23.90 7.64 6.47
C ALA A 163 23.83 6.12 6.47
N ASP A 164 24.60 5.49 7.36
CA ASP A 164 24.49 4.06 7.62
C ASP A 164 24.72 3.78 9.10
N GLU A 165 25.22 2.58 9.44
CA GLU A 165 25.48 2.26 10.84
C GLU A 165 26.62 3.08 11.42
N GLU A 166 27.50 3.62 10.59
CA GLU A 166 28.68 4.33 11.04
C GLU A 166 28.46 5.83 11.16
N GLY A 167 27.23 6.30 11.11
CA GLY A 167 26.92 7.70 11.24
C GLY A 167 26.34 8.29 9.97
N ALA A 168 26.41 9.61 9.90
CA ALA A 168 25.84 10.35 8.77
C ALA A 168 26.73 11.55 8.46
N ARG A 169 26.91 11.80 7.17
CA ARG A 169 27.76 12.90 6.73
C ARG A 169 27.07 13.67 5.61
N VAL A 170 27.52 14.90 5.39
CA VAL A 170 26.99 15.77 4.36
C VAL A 170 28.13 16.23 3.48
N ILE A 171 27.92 16.19 2.16
CA ILE A 171 28.88 16.67 1.17
C ILE A 171 28.29 17.89 0.48
N THR A 172 29.08 18.96 0.39
CA THR A 172 28.61 20.19 -0.21
C THR A 172 29.80 20.95 -0.77
N TRP A 173 29.51 21.91 -1.66
CA TRP A 173 30.55 22.74 -2.27
C TRP A 173 30.52 24.17 -1.76
N LYS A 174 29.82 24.45 -0.67
CA LYS A 174 29.89 25.72 0.03
C LYS A 174 30.37 25.48 1.45
N ASN A 175 31.21 26.37 1.95
CA ASN A 175 31.93 26.14 3.20
C ASN A 175 30.96 26.13 4.39
N VAL A 176 30.85 24.98 5.03
CA VAL A 176 30.07 24.82 6.27
C VAL A 176 31.00 24.24 7.33
N ASP A 177 31.03 24.88 8.50
CA ASP A 177 31.95 24.49 9.57
C ASP A 177 31.22 23.54 10.52
N LEU A 178 31.23 22.25 10.16
CA LEU A 178 30.61 21.21 10.96
C LEU A 178 31.41 19.93 10.83
N PRO A 179 31.58 19.17 11.91
CA PRO A 179 32.44 17.97 11.86
C PRO A 179 31.88 16.83 11.03
N TYR A 180 30.60 16.84 10.69
CA TYR A 180 30.03 15.84 9.80
C TYR A 180 29.79 16.36 8.40
N VAL A 181 30.35 17.51 8.05
CA VAL A 181 30.22 18.10 6.72
C VAL A 181 31.59 18.07 6.05
N ASP A 182 31.64 17.51 4.85
CA ASP A 182 32.84 17.49 4.02
C ASP A 182 32.64 18.50 2.90
N VAL A 183 33.45 19.54 2.92
CA VAL A 183 33.33 20.65 1.96
C VAL A 183 34.28 20.40 0.80
N VAL A 184 33.73 20.22 -0.40
CA VAL A 184 34.53 20.10 -1.61
C VAL A 184 34.44 21.40 -2.39
N SER A 185 35.00 21.41 -3.60
CA SER A 185 35.12 22.65 -4.36
C SER A 185 33.91 22.92 -5.26
N THR A 186 33.41 21.88 -5.94
CA THR A 186 32.35 22.06 -6.93
C THR A 186 31.27 21.01 -6.74
N GLU A 187 30.17 21.19 -7.48
CA GLU A 187 29.09 20.21 -7.45
C GLU A 187 29.52 18.90 -8.10
N ARG A 188 30.28 18.98 -9.20
CA ARG A 188 30.77 17.76 -9.85
C ARG A 188 31.65 16.95 -8.91
N GLU A 189 32.53 17.63 -8.16
CA GLU A 189 33.35 16.92 -7.18
C GLU A 189 32.49 16.31 -6.08
N MET A 190 31.47 17.04 -5.62
CA MET A 190 30.59 16.51 -4.59
C MET A 190 29.87 15.26 -5.08
N ILE A 191 29.36 15.29 -6.32
CA ILE A 191 28.72 14.12 -6.89
C ILE A 191 29.73 12.99 -7.06
N LYS A 192 30.91 13.31 -7.60
CA LYS A 192 31.97 12.32 -7.73
C LYS A 192 32.39 11.78 -6.38
N ARG A 193 32.47 12.66 -5.37
CA ARG A 193 32.82 12.20 -4.03
C ARG A 193 31.76 11.24 -3.48
N PHE A 194 30.49 11.53 -3.75
CA PHE A 194 29.42 10.61 -3.35
C PHE A 194 29.55 9.28 -4.07
N LEU A 195 29.85 9.31 -5.38
CA LEU A 195 30.08 8.08 -6.13
C LEU A 195 31.19 7.26 -5.49
N ARG A 196 32.29 7.91 -5.09
CA ARG A 196 33.39 7.20 -4.45
C ARG A 196 32.94 6.61 -3.11
N VAL A 197 32.11 7.36 -2.36
CA VAL A 197 31.67 6.89 -1.06
C VAL A 197 30.90 5.59 -1.19
N VAL A 198 29.96 5.54 -2.14
CA VAL A 198 29.11 4.36 -2.26
C VAL A 198 29.90 3.18 -2.82
N LYS A 199 30.82 3.43 -3.77
CA LYS A 199 31.68 2.37 -4.26
C LYS A 199 32.56 1.83 -3.15
N GLU A 200 33.12 2.73 -2.32
CA GLU A 200 33.94 2.30 -1.20
C GLU A 200 33.13 1.45 -0.22
N LYS A 201 32.01 2.01 0.28
CA LYS A 201 31.20 1.29 1.24
C LYS A 201 30.57 0.04 0.62
N ASP A 202 30.26 0.09 -0.67
CA ASP A 202 29.69 -1.04 -1.41
C ASP A 202 28.43 -1.59 -0.75
N PRO A 203 27.39 -0.78 -0.57
CA PRO A 203 26.17 -1.28 0.07
C PRO A 203 25.40 -2.20 -0.86
N ASP A 204 24.76 -3.21 -0.27
CA ASP A 204 23.82 -4.02 -1.02
C ASP A 204 22.51 -3.28 -1.27
N VAL A 205 22.16 -2.35 -0.40
CA VAL A 205 20.88 -1.65 -0.45
C VAL A 205 21.13 -0.16 -0.38
N LEU A 206 20.48 0.59 -1.27
CA LEU A 206 20.47 2.05 -1.24
C LEU A 206 19.06 2.49 -0.87
N ILE A 207 18.94 3.21 0.25
CA ILE A 207 17.65 3.62 0.78
C ILE A 207 17.44 5.10 0.51
N THR A 208 16.31 5.42 -0.11
CA THR A 208 15.90 6.81 -0.33
C THR A 208 14.49 6.99 0.19
N TYR A 209 14.04 8.24 0.21
CA TYR A 209 12.64 8.58 0.48
C TYR A 209 12.10 9.28 -0.75
N ASN A 210 11.26 8.56 -1.51
CA ASN A 210 10.75 9.03 -2.80
C ASN A 210 11.88 9.38 -3.76
N GLY A 211 12.99 8.65 -3.67
CA GLY A 211 14.07 8.83 -4.63
C GLY A 211 13.71 8.41 -6.04
N ASP A 212 12.73 7.51 -6.19
CA ASP A 212 12.28 7.11 -7.52
C ASP A 212 11.84 8.31 -8.35
N ASN A 213 11.28 9.33 -7.70
CA ASN A 213 10.75 10.50 -8.39
C ASN A 213 11.46 11.80 -8.01
N PHE A 214 12.43 11.75 -7.09
CA PHE A 214 13.11 12.96 -6.66
C PHE A 214 14.61 12.73 -6.54
N ASP A 215 15.05 12.35 -5.34
CA ASP A 215 16.48 12.36 -5.01
C ASP A 215 17.29 11.55 -6.00
N PHE A 216 16.95 10.27 -6.17
CA PHE A 216 17.73 9.42 -7.08
C PHE A 216 17.53 9.84 -8.53
N ALA A 217 16.29 10.20 -8.90
CA ALA A 217 16.03 10.60 -10.28
C ALA A 217 16.72 11.92 -10.61
N TYR A 218 16.78 12.86 -9.66
CA TYR A 218 17.46 14.12 -9.89
C TYR A 218 18.97 13.91 -10.02
N LEU A 219 19.55 13.18 -9.07
CA LEU A 219 20.99 12.96 -9.09
C LEU A 219 21.46 12.36 -10.42
N LYS A 220 20.74 11.35 -10.90
CA LYS A 220 21.08 10.77 -12.19
C LYS A 220 20.83 11.77 -13.33
N LYS A 221 19.71 12.50 -13.27
CA LYS A 221 19.44 13.50 -14.30
C LYS A 221 20.51 14.58 -14.33
N ARG A 222 21.13 14.87 -13.18
CA ARG A 222 22.24 15.80 -13.16
C ARG A 222 23.51 15.18 -13.72
N CYS A 223 23.74 13.88 -13.44
CA CYS A 223 24.94 13.21 -13.94
C CYS A 223 24.96 13.18 -15.46
N GLU A 224 23.80 13.09 -16.10
CA GLU A 224 23.77 13.21 -17.56
C GLU A 224 24.05 14.63 -18.01
N LYS A 225 23.72 15.62 -17.18
CA LYS A 225 23.89 17.01 -17.60
C LYS A 225 25.35 17.45 -17.53
N LEU A 226 26.09 17.00 -16.53
CA LEU A 226 27.51 17.36 -16.41
C LEU A 226 28.43 16.32 -17.04
N GLY A 227 27.91 15.19 -17.50
CA GLY A 227 28.73 14.17 -18.10
C GLY A 227 29.57 13.40 -17.11
N ILE A 228 28.96 12.97 -16.01
CA ILE A 228 29.64 12.19 -14.99
C ILE A 228 29.24 10.73 -15.17
N ASN A 229 30.24 9.86 -15.35
CA ASN A 229 29.98 8.43 -15.42
C ASN A 229 29.64 7.91 -14.04
N PHE A 230 28.34 7.95 -13.68
CA PHE A 230 27.88 7.52 -12.36
C PHE A 230 27.74 6.00 -12.31
N ALA A 231 28.88 5.32 -12.45
CA ALA A 231 28.90 3.86 -12.42
C ALA A 231 28.54 3.34 -11.04
N LEU A 232 27.24 3.22 -10.76
CA LEU A 232 26.77 2.78 -9.45
C LEU A 232 26.60 1.28 -9.37
N GLY A 233 26.23 0.63 -10.47
CA GLY A 233 25.97 -0.80 -10.43
C GLY A 233 27.23 -1.60 -10.17
N ARG A 234 27.05 -2.79 -9.60
CA ARG A 234 28.17 -3.67 -9.35
C ARG A 234 28.68 -4.34 -10.62
N ASP A 235 27.88 -4.33 -11.68
CA ASP A 235 28.34 -4.73 -13.00
C ASP A 235 28.93 -3.56 -13.78
N GLY A 236 29.22 -2.45 -13.11
CA GLY A 236 29.79 -1.29 -13.76
C GLY A 236 28.82 -0.40 -14.49
N SER A 237 27.52 -0.61 -14.31
CA SER A 237 26.50 0.15 -15.02
C SER A 237 26.04 1.33 -14.18
N GLU A 238 25.29 2.22 -14.82
CA GLU A 238 24.74 3.41 -14.19
C GLU A 238 23.33 3.15 -13.68
N PRO A 239 22.87 3.91 -12.69
CA PRO A 239 21.46 3.83 -12.32
C PRO A 239 20.57 4.14 -13.52
N LYS A 240 19.48 3.39 -13.65
CA LYS A 240 18.62 3.49 -14.81
C LYS A 240 17.21 3.86 -14.36
N ILE A 241 16.71 4.98 -14.88
CA ILE A 241 15.36 5.43 -14.57
C ILE A 241 14.40 4.64 -15.45
N GLN A 242 13.45 3.94 -14.83
CA GLN A 242 12.61 2.97 -15.50
C GLN A 242 11.19 3.48 -15.61
N ARG A 243 10.62 3.44 -16.82
CA ARG A 243 9.24 3.83 -17.04
C ARG A 243 8.31 2.77 -16.48
N MET A 244 7.58 3.12 -15.42
CA MET A 244 6.62 2.21 -14.81
C MET A 244 5.20 2.71 -15.07
N GLY A 245 4.80 2.75 -16.33
CA GLY A 245 3.50 3.27 -16.69
C GLY A 245 3.35 4.75 -16.38
N ASP A 246 2.63 5.05 -15.29
CA ASP A 246 2.46 6.44 -14.89
C ASP A 246 3.69 6.97 -14.17
N ARG A 247 4.28 6.17 -13.29
CA ARG A 247 5.41 6.60 -12.49
C ARG A 247 6.73 6.13 -13.09
N PHE A 248 7.82 6.59 -12.48
CA PHE A 248 9.17 6.16 -12.81
C PHE A 248 9.82 5.58 -11.57
N ALA A 249 10.80 4.70 -11.79
CA ALA A 249 11.52 4.06 -10.70
C ALA A 249 12.98 3.89 -11.10
N VAL A 250 13.87 3.99 -10.12
CA VAL A 250 15.31 3.92 -10.36
C VAL A 250 15.82 2.55 -9.92
N GLU A 251 16.51 1.88 -10.82
CA GLU A 251 17.11 0.57 -10.57
C GLU A 251 18.63 0.68 -10.64
N VAL A 252 19.31 -0.03 -9.74
CA VAL A 252 20.77 -0.08 -9.70
C VAL A 252 21.17 -1.55 -9.74
N LYS A 253 21.75 -1.98 -10.85
CA LYS A 253 22.12 -3.38 -11.03
C LYS A 253 23.07 -3.85 -9.93
N GLY A 254 22.82 -5.05 -9.42
CA GLY A 254 23.65 -5.62 -8.38
C GLY A 254 23.39 -5.09 -6.99
N ARG A 255 22.68 -3.98 -6.85
CA ARG A 255 22.22 -3.47 -5.57
C ARG A 255 20.69 -3.45 -5.58
N ILE A 256 20.11 -2.89 -4.53
CA ILE A 256 18.67 -2.77 -4.41
C ILE A 256 18.37 -1.35 -3.96
N HIS A 257 17.78 -0.55 -4.84
CA HIS A 257 17.32 0.78 -4.44
C HIS A 257 16.01 0.60 -3.68
N PHE A 258 16.08 0.72 -2.37
CA PHE A 258 14.90 0.62 -1.51
C PHE A 258 14.31 2.01 -1.35
N ASP A 259 13.26 2.30 -2.11
CA ASP A 259 12.53 3.56 -1.95
C ASP A 259 11.48 3.35 -0.87
N LEU A 260 11.71 3.98 0.29
CA LEU A 260 10.82 3.80 1.44
C LEU A 260 9.43 4.37 1.18
N TYR A 261 9.29 5.31 0.25
CA TYR A 261 8.01 6.02 0.09
C TYR A 261 6.86 5.09 -0.28
N PRO A 262 6.91 4.31 -1.37
CA PRO A 262 5.78 3.43 -1.67
C PRO A 262 5.53 2.40 -0.59
N VAL A 263 6.59 1.96 0.09
CA VAL A 263 6.42 1.04 1.22
C VAL A 263 5.61 1.71 2.32
N ILE A 264 6.01 2.92 2.72
CA ILE A 264 5.33 3.63 3.79
C ILE A 264 3.89 3.93 3.41
N ARG A 265 3.62 4.15 2.12
CA ARG A 265 2.26 4.48 1.69
C ARG A 265 1.28 3.36 2.01
N ARG A 266 1.69 2.10 1.81
CA ARG A 266 0.83 0.95 2.01
C ARG A 266 1.09 0.24 3.34
N THR A 267 1.55 0.99 4.35
CA THR A 267 1.78 0.42 5.66
C THR A 267 1.12 1.29 6.73
N ILE A 268 1.37 2.59 6.67
CA ILE A 268 0.83 3.55 7.62
C ILE A 268 -0.12 4.49 6.89
N ASN A 269 -1.26 4.76 7.51
CA ASN A 269 -2.22 5.75 6.99
C ASN A 269 -1.99 7.04 7.75
N LEU A 270 -1.44 8.04 7.06
CA LEU A 270 -1.13 9.33 7.66
C LEU A 270 -1.86 10.44 6.93
N PRO A 271 -2.08 11.59 7.59
CA PRO A 271 -2.62 12.74 6.85
C PRO A 271 -1.69 13.21 5.75
N THR A 272 -0.39 13.30 6.02
CA THR A 272 0.62 13.58 5.02
C THR A 272 1.78 12.61 5.18
N TYR A 273 2.51 12.42 4.10
CA TYR A 273 3.63 11.47 4.06
C TYR A 273 4.96 12.18 3.85
N THR A 274 5.14 13.33 4.49
CA THR A 274 6.46 13.92 4.55
C THR A 274 7.38 13.08 5.43
N LEU A 275 8.69 13.23 5.19
CA LEU A 275 9.66 12.50 6.00
C LEU A 275 9.51 12.83 7.48
N GLU A 276 9.16 14.08 7.80
CA GLU A 276 8.98 14.48 9.18
C GLU A 276 7.77 13.80 9.80
N ALA A 277 6.64 13.78 9.08
CA ALA A 277 5.43 13.16 9.61
C ALA A 277 5.62 11.66 9.80
N VAL A 278 6.33 11.01 8.89
CA VAL A 278 6.53 9.58 9.00
C VAL A 278 7.44 9.24 10.18
N TYR A 279 8.49 10.04 10.38
CA TYR A 279 9.41 9.80 11.49
C TYR A 279 8.69 9.89 12.83
N GLU A 280 7.85 10.91 13.01
CA GLU A 280 7.13 11.05 14.27
C GLU A 280 6.14 9.90 14.48
N ALA A 281 5.48 9.45 13.42
CA ALA A 281 4.51 8.38 13.54
C ALA A 281 5.17 7.06 13.93
N VAL A 282 6.38 6.82 13.42
CA VAL A 282 7.04 5.53 13.65
C VAL A 282 7.80 5.54 14.98
N PHE A 283 8.65 6.54 15.19
CA PHE A 283 9.54 6.57 16.34
C PHE A 283 9.04 7.43 17.49
N GLY A 284 7.96 8.17 17.30
CA GLY A 284 7.39 8.95 18.39
C GLY A 284 8.21 10.17 18.80
N LYS A 285 9.08 10.65 17.92
CA LYS A 285 9.88 11.83 18.19
C LYS A 285 9.72 12.82 17.05
N PRO A 286 9.66 14.12 17.33
CA PRO A 286 9.48 15.10 16.27
C PRO A 286 10.77 15.33 15.49
N LYS A 287 10.60 15.88 14.29
CA LYS A 287 11.72 16.18 13.41
C LYS A 287 11.46 17.53 12.75
N GLU A 288 12.38 18.48 12.99
CA GLU A 288 12.21 19.82 12.45
C GLU A 288 12.42 19.83 10.94
N LYS A 289 11.68 20.67 10.25
CA LYS A 289 11.70 20.77 8.80
C LYS A 289 12.22 22.14 8.39
N VAL A 290 13.14 22.16 7.42
CA VAL A 290 13.64 23.38 6.82
C VAL A 290 13.09 23.46 5.41
N TYR A 291 12.37 24.54 5.11
CA TYR A 291 11.65 24.67 3.85
C TYR A 291 12.54 25.28 2.78
N ALA A 292 12.10 25.13 1.53
CA ALA A 292 12.87 25.64 0.38
C ALA A 292 13.10 27.14 0.45
N GLU A 293 12.27 27.86 1.21
CA GLU A 293 12.49 29.29 1.38
C GLU A 293 13.71 29.56 2.23
N GLU A 294 13.90 28.79 3.30
CA GLU A 294 15.07 28.97 4.16
C GLU A 294 16.34 28.44 3.49
N ILE A 295 16.22 27.36 2.71
CA ILE A 295 17.38 26.84 2.00
C ILE A 295 17.84 27.82 0.92
N ALA A 296 16.88 28.51 0.28
CA ALA A 296 17.24 29.52 -0.70
C ALA A 296 17.89 30.73 -0.05
N GLN A 297 17.34 31.16 1.10
CA GLN A 297 17.92 32.30 1.82
C GLN A 297 19.31 31.95 2.34
N ALA A 298 19.45 30.79 2.99
CA ALA A 298 20.74 30.42 3.54
C ALA A 298 21.78 30.21 2.45
N TRP A 299 21.36 29.69 1.28
CA TRP A 299 22.29 29.53 0.17
C TRP A 299 22.71 30.88 -0.40
N GLU A 300 21.79 31.84 -0.42
CA GLU A 300 22.10 33.15 -0.99
C GLU A 300 22.90 34.01 0.00
N THR A 301 22.38 34.16 1.22
CA THR A 301 23.08 34.98 2.21
C THR A 301 24.38 34.32 2.68
N GLY A 302 24.45 33.00 2.64
CA GLY A 302 25.60 32.29 3.17
C GLY A 302 25.59 32.09 4.66
N GLU A 303 24.54 32.54 5.36
CA GLU A 303 24.41 32.37 6.80
C GLU A 303 23.30 31.37 7.10
N GLY A 304 23.43 30.70 8.25
CA GLY A 304 22.46 29.70 8.62
C GLY A 304 22.53 28.41 7.85
N LEU A 305 23.57 28.21 7.04
CA LEU A 305 23.70 26.97 6.28
C LEU A 305 23.95 25.77 7.19
N GLU A 306 24.51 26.02 8.38
CA GLU A 306 24.66 24.95 9.36
C GLU A 306 23.32 24.36 9.74
N ARG A 307 22.29 25.21 9.84
CA ARG A 307 20.93 24.72 10.07
C ARG A 307 20.45 23.89 8.88
N VAL A 308 20.86 24.25 7.66
CA VAL A 308 20.47 23.48 6.49
C VAL A 308 21.26 22.19 6.40
N ALA A 309 22.57 22.25 6.66
CA ALA A 309 23.40 21.05 6.66
C ALA A 309 22.89 20.05 7.71
N ARG A 310 22.44 20.54 8.86
CA ARG A 310 21.85 19.67 9.87
C ARG A 310 20.59 18.99 9.34
N TYR A 311 19.71 19.76 8.69
CA TYR A 311 18.50 19.19 8.11
C TYR A 311 18.83 18.12 7.09
N SER A 312 19.81 18.40 6.21
CA SER A 312 20.18 17.44 5.18
C SER A 312 20.73 16.15 5.79
N MET A 313 21.60 16.28 6.80
CA MET A 313 22.12 15.12 7.50
C MET A 313 20.99 14.31 8.12
N GLU A 314 20.06 14.98 8.80
CA GLU A 314 18.98 14.28 9.47
C GLU A 314 18.05 13.57 8.48
N ASP A 315 17.89 14.15 7.29
CA ASP A 315 17.14 13.47 6.23
C ASP A 315 17.71 12.09 5.98
N ALA A 316 19.02 12.00 5.76
CA ALA A 316 19.65 10.70 5.54
C ALA A 316 19.61 9.84 6.80
N LYS A 317 19.77 10.47 7.97
CA LYS A 317 19.77 9.73 9.22
C LYS A 317 18.44 9.01 9.45
N VAL A 318 17.33 9.76 9.40
CA VAL A 318 16.03 9.15 9.63
C VAL A 318 15.63 8.24 8.48
N THR A 319 16.18 8.44 7.29
CA THR A 319 15.87 7.53 6.19
C THR A 319 16.56 6.18 6.40
N TYR A 320 17.79 6.19 6.93
CA TYR A 320 18.42 4.94 7.30
C TYR A 320 17.66 4.26 8.44
N GLU A 321 17.30 5.04 9.47
CA GLU A 321 16.61 4.47 10.62
C GLU A 321 15.27 3.87 10.21
N LEU A 322 14.50 4.59 9.40
CA LEU A 322 13.24 4.05 8.91
C LEU A 322 13.49 2.84 8.02
N GLY A 323 14.45 2.94 7.10
CA GLY A 323 14.78 1.82 6.24
C GLY A 323 15.23 0.59 7.03
N LYS A 324 15.94 0.81 8.14
CA LYS A 324 16.38 -0.30 8.97
C LYS A 324 15.18 -1.09 9.51
N GLU A 325 14.08 -0.40 9.82
CA GLU A 325 12.94 -1.07 10.42
C GLU A 325 12.03 -1.71 9.38
N PHE A 326 11.88 -1.09 8.21
CA PHE A 326 10.90 -1.55 7.24
C PHE A 326 11.46 -2.51 6.21
N LEU A 327 12.78 -2.55 6.03
CA LEU A 327 13.35 -3.49 5.07
C LEU A 327 13.12 -4.95 5.42
N PRO A 328 13.23 -5.40 6.68
CA PRO A 328 12.97 -6.83 6.96
C PRO A 328 11.52 -7.23 6.71
N MET A 329 10.56 -6.36 7.02
CA MET A 329 9.17 -6.69 6.73
C MET A 329 8.92 -6.80 5.24
N GLU A 330 9.54 -5.92 4.45
CA GLU A 330 9.45 -6.04 3.00
C GLU A 330 10.21 -7.26 2.49
N ALA A 331 11.26 -7.67 3.20
CA ALA A 331 12.00 -8.86 2.79
C ALA A 331 11.16 -10.12 3.01
N GLN A 332 10.46 -10.22 4.15
CA GLN A 332 9.58 -11.36 4.35
C GLN A 332 8.47 -11.39 3.31
N LEU A 333 7.91 -10.22 2.98
CA LEU A 333 6.91 -10.15 1.93
C LEU A 333 7.49 -10.60 0.59
N SER A 334 8.76 -10.27 0.33
CA SER A 334 9.41 -10.73 -0.88
C SER A 334 9.58 -12.25 -0.88
N ARG A 335 9.84 -12.84 0.29
CA ARG A 335 10.00 -14.28 0.38
C ARG A 335 8.69 -15.00 0.08
N LEU A 336 7.57 -14.46 0.55
CA LEU A 336 6.28 -15.10 0.31
C LEU A 336 5.92 -15.10 -1.16
N VAL A 337 5.88 -13.90 -1.77
CA VAL A 337 5.47 -13.81 -3.16
C VAL A 337 6.48 -14.49 -4.06
N GLY A 338 7.75 -14.57 -3.64
CA GLY A 338 8.78 -15.12 -4.48
C GLY A 338 9.17 -14.20 -5.60
N GLN A 339 9.32 -12.91 -5.32
CA GLN A 339 9.71 -11.91 -6.30
C GLN A 339 10.72 -10.98 -5.65
N PRO A 340 11.56 -10.32 -6.45
CA PRO A 340 12.64 -9.51 -5.86
C PRO A 340 12.12 -8.34 -5.05
N LEU A 341 12.92 -7.93 -4.07
CA LEU A 341 12.54 -6.83 -3.18
C LEU A 341 12.31 -5.54 -3.96
N TRP A 342 13.12 -5.30 -5.00
CA TRP A 342 12.93 -4.09 -5.80
C TRP A 342 11.53 -4.02 -6.38
N ASP A 343 11.03 -5.13 -6.91
CA ASP A 343 9.68 -5.14 -7.47
C ASP A 343 8.63 -5.15 -6.36
N VAL A 344 8.83 -5.99 -5.35
CA VAL A 344 7.81 -6.17 -4.31
C VAL A 344 7.57 -4.86 -3.57
N SER A 345 8.62 -4.09 -3.31
CA SER A 345 8.49 -2.85 -2.55
C SER A 345 7.78 -1.74 -3.32
N ARG A 346 7.52 -1.93 -4.62
CA ARG A 346 6.82 -0.93 -5.42
C ARG A 346 5.51 -1.47 -6.01
N SER A 347 5.11 -2.68 -5.65
CA SER A 347 3.95 -3.31 -6.25
C SER A 347 2.69 -2.99 -5.46
N SER A 348 1.57 -2.89 -6.18
CA SER A 348 0.28 -2.87 -5.52
C SER A 348 0.02 -4.23 -4.87
N THR A 349 -0.88 -4.22 -3.89
CA THR A 349 -1.21 -5.46 -3.19
C THR A 349 -1.84 -6.47 -4.15
N GLY A 350 -2.66 -5.99 -5.09
CA GLY A 350 -3.24 -6.88 -6.07
C GLY A 350 -2.19 -7.56 -6.93
N ASN A 351 -1.11 -6.86 -7.24
CA ASN A 351 -0.05 -7.43 -8.05
C ASN A 351 0.73 -8.48 -7.27
N LEU A 352 0.95 -8.25 -5.97
CA LEU A 352 1.66 -9.22 -5.15
C LEU A 352 0.89 -10.53 -5.09
N VAL A 353 -0.43 -10.47 -4.94
CA VAL A 353 -1.24 -11.68 -4.87
C VAL A 353 -1.13 -12.46 -6.17
N GLU A 354 -1.24 -11.77 -7.30
CA GLU A 354 -1.26 -12.44 -8.60
C GLU A 354 0.08 -13.11 -8.90
N TRP A 355 1.19 -12.42 -8.58
CA TRP A 355 2.50 -13.02 -8.82
C TRP A 355 2.70 -14.26 -7.96
N TYR A 356 2.24 -14.23 -6.71
CA TYR A 356 2.27 -15.43 -5.89
C TYR A 356 1.36 -16.50 -6.48
N LEU A 357 0.18 -16.11 -6.97
CA LEU A 357 -0.72 -17.07 -7.60
C LEU A 357 -0.07 -17.69 -8.84
N LEU A 358 0.63 -16.88 -9.64
CA LEU A 358 1.33 -17.40 -10.81
C LEU A 358 2.38 -18.44 -10.42
N ARG A 359 3.16 -18.15 -9.37
CA ARG A 359 4.16 -19.12 -8.92
C ARG A 359 3.50 -20.42 -8.47
N LYS A 360 2.47 -20.31 -7.63
CA LYS A 360 1.80 -21.52 -7.13
C LYS A 360 1.15 -22.31 -8.26
N ALA A 361 0.59 -21.62 -9.25
CA ALA A 361 -0.03 -22.31 -10.37
C ALA A 361 0.98 -23.14 -11.13
N TYR A 362 2.15 -22.56 -11.43
CA TYR A 362 3.22 -23.33 -12.08
C TYR A 362 3.61 -24.54 -11.25
N GLU A 363 3.60 -24.41 -9.93
CA GLU A 363 4.00 -25.51 -9.06
C GLU A 363 3.07 -26.71 -9.22
N ARG A 364 1.80 -26.47 -9.53
CA ARG A 364 0.80 -27.52 -9.63
C ARG A 364 0.40 -27.82 -11.08
N ASN A 365 1.25 -27.43 -12.04
CA ASN A 365 0.99 -27.67 -13.46
C ASN A 365 -0.36 -27.08 -13.90
N GLU A 366 -0.77 -25.99 -13.26
CA GLU A 366 -2.02 -25.33 -13.58
C GLU A 366 -1.76 -24.18 -14.55
N LEU A 367 -2.43 -24.23 -15.70
CA LEU A 367 -2.31 -23.17 -16.70
C LEU A 367 -2.95 -21.89 -16.16
N ALA A 368 -2.23 -20.79 -16.29
CA ALA A 368 -2.75 -19.53 -15.76
C ALA A 368 -3.80 -18.94 -16.69
N PRO A 369 -4.91 -18.45 -16.16
CA PRO A 369 -5.85 -17.69 -16.98
C PRO A 369 -5.23 -16.35 -17.36
N ASN A 370 -5.73 -15.79 -18.46
CA ASN A 370 -5.16 -14.57 -18.99
C ASN A 370 -5.77 -13.35 -18.30
N LYS A 371 -4.99 -12.28 -18.27
CA LYS A 371 -5.54 -10.99 -17.89
C LYS A 371 -6.65 -10.61 -18.87
N PRO A 372 -7.64 -9.84 -18.43
CA PRO A 372 -8.71 -9.43 -19.33
C PRO A 372 -8.25 -8.35 -20.30
N ASP A 373 -8.78 -8.43 -21.52
CA ASP A 373 -8.58 -7.35 -22.48
C ASP A 373 -9.35 -6.12 -22.03
N GLU A 374 -9.28 -5.07 -22.85
CA GLU A 374 -9.91 -3.81 -22.51
C GLU A 374 -11.41 -3.96 -22.34
N ARG A 375 -12.07 -4.72 -23.22
CA ARG A 375 -13.52 -4.84 -23.14
C ARG A 375 -13.95 -5.62 -21.91
N GLU A 376 -13.37 -6.81 -21.71
CA GLU A 376 -13.73 -7.61 -20.54
C GLU A 376 -13.39 -6.88 -19.26
N TYR A 377 -12.28 -6.12 -19.24
CA TYR A 377 -11.98 -5.29 -18.08
C TYR A 377 -13.12 -4.32 -17.80
N GLU A 378 -13.61 -3.64 -18.84
CA GLU A 378 -14.71 -2.70 -18.65
C GLU A 378 -15.97 -3.41 -18.17
N ARG A 379 -16.21 -4.64 -18.63
CA ARG A 379 -17.38 -5.39 -18.18
C ARG A 379 -17.31 -5.68 -16.69
N ARG A 380 -16.16 -6.19 -16.23
CA ARG A 380 -16.01 -6.49 -14.80
C ARG A 380 -16.15 -5.23 -13.95
N LEU A 381 -15.54 -4.13 -14.40
CA LEU A 381 -15.67 -2.87 -13.67
C LEU A 381 -17.12 -2.44 -13.56
N ARG A 382 -17.97 -2.82 -14.53
CA ARG A 382 -19.37 -2.43 -14.50
C ARG A 382 -20.20 -3.32 -13.58
N GLU A 383 -19.79 -4.56 -13.37
CA GLU A 383 -20.56 -5.46 -12.51
C GLU A 383 -20.03 -5.39 -11.08
N SER A 384 -20.94 -5.58 -10.13
CA SER A 384 -20.58 -5.55 -8.72
C SER A 384 -21.47 -6.57 -8.00
N TYR A 385 -21.54 -6.48 -6.67
CA TYR A 385 -22.22 -7.48 -5.86
C TYR A 385 -22.40 -6.90 -4.46
N ALA A 386 -23.25 -7.57 -3.68
CA ALA A 386 -23.61 -7.09 -2.35
C ALA A 386 -22.49 -7.34 -1.35
N GLY A 387 -22.31 -6.37 -0.45
CA GLY A 387 -21.18 -6.39 0.47
C GLY A 387 -21.55 -6.71 1.91
N GLY A 388 -20.96 -5.96 2.85
CA GLY A 388 -21.14 -6.26 4.25
C GLY A 388 -22.51 -5.84 4.75
N TYR A 389 -23.01 -6.59 5.73
CA TYR A 389 -24.25 -6.23 6.40
C TYR A 389 -24.00 -5.08 7.35
N VAL A 390 -24.80 -4.03 7.24
CA VAL A 390 -24.64 -2.85 8.09
C VAL A 390 -25.99 -2.54 8.74
N LYS A 391 -25.98 -2.32 10.04
CA LYS A 391 -27.18 -2.05 10.81
C LYS A 391 -27.21 -0.60 11.24
N GLU A 392 -28.34 0.06 11.00
CA GLU A 392 -28.56 1.41 11.53
C GLU A 392 -28.47 1.35 13.05
N PRO A 393 -27.57 2.10 13.67
CA PRO A 393 -27.29 1.88 15.09
C PRO A 393 -28.41 2.42 15.99
N GLU A 394 -28.52 1.81 17.17
CA GLU A 394 -29.43 2.32 18.17
C GLU A 394 -28.89 3.62 18.75
N LYS A 395 -29.71 4.67 18.72
CA LYS A 395 -29.29 5.97 19.21
C LYS A 395 -29.29 6.00 20.73
N GLY A 396 -28.76 7.08 21.29
CA GLY A 396 -28.70 7.25 22.72
C GLY A 396 -27.40 6.73 23.32
N LEU A 397 -27.22 7.01 24.61
CA LEU A 397 -26.05 6.58 25.34
C LEU A 397 -26.31 5.21 25.96
N TRP A 398 -25.36 4.30 25.79
CA TRP A 398 -25.48 2.94 26.28
C TRP A 398 -24.30 2.60 27.19
N GLU A 399 -24.56 1.70 28.14
CA GLU A 399 -23.55 1.31 29.12
C GLU A 399 -23.25 -0.18 29.00
N ASN A 400 -22.07 -0.54 29.51
CA ASN A 400 -21.66 -1.94 29.62
C ASN A 400 -21.69 -2.63 28.25
N ILE A 401 -21.07 -1.99 27.27
CA ILE A 401 -21.07 -2.46 25.89
C ILE A 401 -19.94 -3.45 25.70
N VAL A 402 -20.24 -4.59 25.06
CA VAL A 402 -19.24 -5.56 24.66
C VAL A 402 -19.14 -5.52 23.15
N TYR A 403 -17.92 -5.64 22.63
CA TYR A 403 -17.67 -5.68 21.20
C TYR A 403 -17.21 -7.08 20.83
N LEU A 404 -18.03 -7.78 20.03
CA LEU A 404 -17.72 -9.12 19.56
C LEU A 404 -17.43 -9.07 18.07
N ASP A 405 -16.40 -9.82 17.65
CA ASP A 405 -15.86 -9.67 16.31
C ASP A 405 -15.42 -11.03 15.78
N PHE A 406 -15.69 -11.28 14.50
CA PHE A 406 -15.27 -12.51 13.85
C PHE A 406 -13.80 -12.42 13.48
N ARG A 407 -13.08 -13.53 13.68
CA ARG A 407 -11.63 -13.57 13.47
C ARG A 407 -11.35 -13.86 11.99
N SER A 408 -10.76 -12.89 11.30
CA SER A 408 -10.42 -13.00 9.87
C SER A 408 -11.58 -13.60 9.08
N LEU A 409 -12.71 -12.89 9.11
CA LEU A 409 -13.98 -13.45 8.63
C LEU A 409 -13.86 -13.93 7.19
N TYR A 410 -13.44 -13.04 6.29
CA TYR A 410 -13.46 -13.39 4.87
C TYR A 410 -12.46 -14.49 4.53
N PRO A 411 -11.20 -14.44 4.99
CA PRO A 411 -10.33 -15.62 4.79
C PRO A 411 -10.86 -16.88 5.45
N SER A 412 -11.41 -16.76 6.67
CA SER A 412 -11.99 -17.92 7.33
C SER A 412 -13.09 -18.54 6.48
N ILE A 413 -13.91 -17.70 5.84
CA ILE A 413 -14.97 -18.20 4.98
C ILE A 413 -14.40 -18.88 3.75
N ILE A 414 -13.36 -18.28 3.15
CA ILE A 414 -12.76 -18.86 1.95
C ILE A 414 -12.20 -20.24 2.25
N ILE A 415 -11.51 -20.39 3.39
CA ILE A 415 -10.91 -21.67 3.75
C ILE A 415 -11.99 -22.68 4.12
N THR A 416 -12.95 -22.25 4.96
CA THR A 416 -13.94 -23.18 5.50
C THR A 416 -14.83 -23.75 4.40
N HIS A 417 -15.30 -22.91 3.49
CA HIS A 417 -16.23 -23.32 2.46
C HIS A 417 -15.56 -23.54 1.11
N ASN A 418 -14.22 -23.50 1.07
CA ASN A 418 -13.44 -23.84 -0.12
C ASN A 418 -13.82 -22.97 -1.31
N VAL A 419 -13.97 -21.67 -1.07
CA VAL A 419 -14.35 -20.73 -2.13
C VAL A 419 -13.14 -20.48 -3.01
N SER A 420 -13.23 -20.91 -4.27
CA SER A 420 -12.14 -20.80 -5.22
C SER A 420 -12.72 -20.95 -6.62
N PRO A 421 -12.07 -20.39 -7.64
CA PRO A 421 -12.61 -20.53 -9.01
C PRO A 421 -12.56 -21.95 -9.53
N ASP A 422 -11.62 -22.77 -9.05
CA ASP A 422 -11.54 -24.16 -9.50
C ASP A 422 -12.52 -25.08 -8.77
N THR A 423 -13.22 -24.57 -7.75
CA THR A 423 -14.24 -25.33 -7.05
C THR A 423 -15.65 -24.82 -7.28
N LEU A 424 -15.81 -23.68 -7.94
CA LEU A 424 -17.12 -23.08 -8.13
C LEU A 424 -17.94 -23.90 -9.13
N ASN A 425 -19.07 -24.43 -8.67
CA ASN A 425 -19.97 -25.22 -9.50
C ASN A 425 -19.22 -26.33 -10.24
N ARG A 426 -18.23 -26.90 -9.58
CA ARG A 426 -17.42 -27.96 -10.18
C ARG A 426 -18.20 -29.25 -10.17
N GLU A 427 -18.38 -29.86 -11.33
CA GLU A 427 -19.16 -31.07 -11.45
C GLU A 427 -18.33 -32.30 -11.08
N GLY A 428 -19.02 -33.35 -10.66
CA GLY A 428 -18.38 -34.61 -10.32
C GLY A 428 -17.89 -34.72 -8.89
N CYS A 429 -18.25 -33.80 -8.01
CA CYS A 429 -17.84 -33.85 -6.62
C CYS A 429 -18.92 -34.50 -5.77
N LYS A 430 -18.52 -35.05 -4.63
CA LYS A 430 -19.44 -35.72 -3.73
C LYS A 430 -19.94 -34.80 -2.61
N GLU A 431 -19.23 -33.72 -2.31
CA GLU A 431 -19.62 -32.80 -1.25
C GLU A 431 -19.51 -31.37 -1.74
N TYR A 432 -20.54 -30.56 -1.46
CA TYR A 432 -20.55 -29.14 -1.81
C TYR A 432 -20.98 -28.32 -0.61
N ASP A 433 -20.49 -27.09 -0.55
CA ASP A 433 -21.02 -26.06 0.34
C ASP A 433 -21.73 -25.03 -0.51
N VAL A 434 -22.93 -24.64 -0.09
CA VAL A 434 -23.82 -23.80 -0.88
C VAL A 434 -23.79 -22.39 -0.29
N ALA A 435 -23.40 -21.42 -1.11
CA ALA A 435 -23.34 -20.03 -0.66
C ALA A 435 -24.74 -19.51 -0.41
N PRO A 436 -25.04 -19.00 0.78
CA PRO A 436 -26.39 -18.48 1.04
C PRO A 436 -26.77 -17.36 0.09
N GLN A 437 -28.08 -17.21 -0.12
CA GLN A 437 -28.65 -16.16 -0.96
C GLN A 437 -28.23 -16.30 -2.43
N VAL A 438 -26.93 -16.31 -2.71
CA VAL A 438 -26.49 -16.32 -4.10
C VAL A 438 -26.53 -17.71 -4.71
N GLY A 439 -26.37 -18.75 -3.90
CA GLY A 439 -26.59 -20.12 -4.34
C GLY A 439 -25.43 -20.78 -5.07
N HIS A 440 -24.27 -20.13 -5.17
CA HIS A 440 -23.13 -20.76 -5.81
C HIS A 440 -22.65 -21.95 -5.00
N ARG A 441 -22.22 -23.00 -5.70
CA ARG A 441 -21.77 -24.23 -5.07
C ARG A 441 -20.26 -24.36 -5.18
N PHE A 442 -19.67 -24.96 -4.15
CA PHE A 442 -18.22 -25.08 -4.07
C PHE A 442 -17.85 -26.49 -3.64
N CYS A 443 -17.09 -27.17 -4.49
CA CYS A 443 -16.61 -28.52 -4.20
C CYS A 443 -15.75 -28.51 -2.94
N LYS A 444 -15.92 -29.55 -2.12
CA LYS A 444 -15.14 -29.69 -0.89
C LYS A 444 -14.24 -30.92 -0.87
N ASP A 445 -14.21 -31.71 -1.95
CA ASP A 445 -13.47 -32.96 -1.94
C ASP A 445 -11.96 -32.77 -1.94
N PHE A 446 -11.47 -31.64 -2.44
CA PHE A 446 -10.04 -31.33 -2.42
C PHE A 446 -9.84 -29.87 -2.08
N PRO A 447 -8.71 -29.52 -1.46
CA PRO A 447 -8.45 -28.11 -1.12
C PRO A 447 -8.40 -27.24 -2.37
N GLY A 448 -9.26 -26.22 -2.40
CA GLY A 448 -9.24 -25.28 -3.51
C GLY A 448 -7.95 -24.49 -3.56
N PHE A 449 -7.68 -23.95 -4.75
CA PHE A 449 -6.44 -23.25 -5.06
C PHE A 449 -6.11 -22.16 -4.04
N ILE A 450 -6.91 -21.11 -4.00
CA ILE A 450 -6.70 -20.01 -3.05
C ILE A 450 -6.89 -20.48 -1.61
N PRO A 451 -7.95 -21.22 -1.27
CA PRO A 451 -8.06 -21.73 0.11
C PRO A 451 -6.83 -22.48 0.59
N SER A 452 -6.13 -23.19 -0.30
CA SER A 452 -4.94 -23.91 0.11
C SER A 452 -3.76 -22.99 0.42
N LEU A 453 -3.88 -21.68 0.13
CA LEU A 453 -2.80 -20.74 0.39
C LEU A 453 -3.06 -19.81 1.57
N LEU A 454 -4.32 -19.66 1.99
CA LEU A 454 -4.63 -18.64 2.98
C LEU A 454 -4.31 -19.06 4.41
N GLY A 455 -4.25 -20.36 4.68
CA GLY A 455 -4.03 -20.82 6.04
C GLY A 455 -2.74 -20.29 6.63
N ASP A 456 -1.65 -20.33 5.86
CA ASP A 456 -0.36 -19.90 6.37
C ASP A 456 -0.34 -18.41 6.70
N LEU A 457 -1.07 -17.60 5.92
CA LEU A 457 -1.15 -16.18 6.24
C LEU A 457 -1.84 -15.94 7.57
N LEU A 458 -2.94 -16.66 7.82
CA LEU A 458 -3.64 -16.51 9.09
C LEU A 458 -2.77 -16.93 10.26
N GLU A 459 -2.06 -18.05 10.11
CA GLU A 459 -1.15 -18.48 11.17
C GLU A 459 -0.01 -17.48 11.36
N GLU A 460 0.47 -16.88 10.27
CA GLU A 460 1.50 -15.86 10.39
C GLU A 460 0.98 -14.64 11.15
N ARG A 461 -0.31 -14.32 11.01
CA ARG A 461 -0.86 -13.18 11.72
C ARG A 461 -1.00 -13.46 13.21
N GLN A 462 -1.45 -14.68 13.57
CA GLN A 462 -1.61 -15.00 14.98
C GLN A 462 -0.26 -15.06 15.68
N LYS A 463 0.76 -15.58 15.02
CA LYS A 463 2.09 -15.62 15.60
C LYS A 463 2.59 -14.21 15.93
N ILE A 464 2.37 -13.26 15.02
CA ILE A 464 2.77 -11.88 15.28
C ILE A 464 1.99 -11.30 16.45
N LYS A 465 0.69 -11.59 16.51
CA LYS A 465 -0.11 -11.14 17.64
C LYS A 465 0.36 -11.77 18.94
N ARG A 466 0.77 -13.04 18.89
CA ARG A 466 1.36 -13.67 20.07
C ARG A 466 2.59 -12.92 20.55
N LYS A 467 3.45 -12.52 19.62
CA LYS A 467 4.62 -11.71 19.98
C LYS A 467 4.21 -10.35 20.51
N MET A 468 3.06 -9.84 20.07
CA MET A 468 2.63 -8.50 20.50
C MET A 468 2.27 -8.48 21.98
N LYS A 469 1.75 -9.58 22.52
CA LYS A 469 1.49 -9.63 23.96
C LYS A 469 2.77 -9.88 24.76
N ALA A 470 3.69 -10.66 24.21
CA ALA A 470 4.99 -10.85 24.83
C ALA A 470 5.95 -9.69 24.58
N THR A 471 5.52 -8.66 23.86
CA THR A 471 6.37 -7.52 23.57
C THR A 471 6.32 -6.52 24.72
N VAL A 472 7.48 -6.18 25.26
CA VAL A 472 7.58 -5.19 26.32
C VAL A 472 7.88 -3.81 25.76
N ASP A 473 8.81 -3.73 24.82
CA ASP A 473 9.23 -2.45 24.25
C ASP A 473 8.10 -1.85 23.42
N PRO A 474 7.77 -0.58 23.61
CA PRO A 474 6.66 0.01 22.84
C PRO A 474 6.97 0.18 21.37
N LEU A 475 8.24 0.32 20.99
CA LEU A 475 8.57 0.47 19.57
C LEU A 475 8.39 -0.84 18.83
N GLU A 476 8.91 -1.95 19.39
CA GLU A 476 8.72 -3.25 18.78
C GLU A 476 7.26 -3.64 18.71
N LYS A 477 6.45 -3.15 19.66
CA LYS A 477 5.01 -3.40 19.62
C LYS A 477 4.35 -2.66 18.46
N LYS A 478 4.75 -1.41 18.23
CA LYS A 478 4.18 -0.64 17.12
C LYS A 478 4.55 -1.25 15.78
N LEU A 479 5.81 -1.69 15.64
CA LEU A 479 6.24 -2.29 14.38
C LEU A 479 5.59 -3.66 14.17
N LEU A 480 5.38 -4.42 15.23
CA LEU A 480 4.62 -5.66 15.11
C LEU A 480 3.18 -5.37 14.73
N ASP A 481 2.60 -4.29 15.26
CA ASP A 481 1.25 -3.91 14.87
C ASP A 481 1.18 -3.61 13.39
N TYR A 482 2.20 -2.94 12.85
CA TYR A 482 2.26 -2.71 11.40
C TYR A 482 2.28 -4.03 10.64
N ARG A 483 3.10 -4.97 11.09
CA ARG A 483 3.29 -6.22 10.36
C ARG A 483 2.00 -7.03 10.30
N GLN A 484 1.31 -7.16 11.44
CA GLN A 484 0.07 -7.93 11.45
C GLN A 484 -1.03 -7.25 10.64
N ARG A 485 -1.01 -5.91 10.56
CA ARG A 485 -1.97 -5.22 9.71
C ARG A 485 -1.65 -5.45 8.24
N ARG A 486 -0.36 -5.52 7.88
CA ARG A 486 0.00 -5.80 6.50
C ARG A 486 -0.42 -7.21 6.09
N ILE A 487 -0.28 -8.18 7.00
CA ILE A 487 -0.76 -9.53 6.73
C ILE A 487 -2.27 -9.56 6.62
N LYS A 488 -2.97 -8.83 7.50
CA LYS A 488 -4.42 -8.80 7.46
C LYS A 488 -4.91 -8.14 6.17
N ILE A 489 -4.26 -7.06 5.73
CA ILE A 489 -4.61 -6.46 4.46
C ILE A 489 -4.34 -7.43 3.32
N LEU A 490 -3.19 -8.12 3.37
CA LEU A 490 -2.85 -9.06 2.31
C LEU A 490 -3.82 -10.23 2.27
N ALA A 491 -4.12 -10.82 3.43
CA ALA A 491 -5.04 -11.95 3.46
C ALA A 491 -6.43 -11.55 2.97
N SER A 492 -6.93 -10.40 3.42
CA SER A 492 -8.24 -9.94 2.96
C SER A 492 -8.21 -9.50 1.51
N SER A 493 -7.03 -9.16 0.97
CA SER A 493 -6.93 -8.82 -0.44
C SER A 493 -7.12 -10.03 -1.34
N TYR A 494 -6.96 -11.25 -0.80
CA TYR A 494 -7.31 -12.44 -1.57
C TYR A 494 -8.80 -12.46 -1.87
N TYR A 495 -9.64 -12.04 -0.92
CA TYR A 495 -11.06 -11.93 -1.20
C TYR A 495 -11.31 -10.84 -2.24
N GLY A 496 -10.73 -9.65 -2.02
CA GLY A 496 -10.95 -8.55 -2.94
C GLY A 496 -10.45 -8.83 -4.34
N TYR A 497 -9.36 -9.59 -4.45
CA TYR A 497 -8.83 -9.98 -5.76
C TYR A 497 -9.91 -10.65 -6.61
N TYR A 498 -10.77 -11.46 -5.97
CA TYR A 498 -11.86 -12.11 -6.69
C TYR A 498 -12.73 -11.10 -7.44
N GLY A 499 -12.87 -9.90 -6.91
CA GLY A 499 -13.64 -8.84 -7.54
C GLY A 499 -12.81 -7.82 -8.29
N TYR A 500 -11.51 -8.06 -8.44
CA TYR A 500 -10.61 -7.12 -9.10
C TYR A 500 -10.70 -7.29 -10.61
N ALA A 501 -11.15 -6.24 -11.30
CA ALA A 501 -11.42 -6.34 -12.73
C ALA A 501 -10.19 -6.79 -13.53
N ARG A 502 -8.99 -6.45 -13.07
CA ARG A 502 -7.79 -6.84 -13.79
C ARG A 502 -7.29 -8.23 -13.41
N ALA A 503 -7.89 -8.86 -12.40
CA ALA A 503 -7.38 -10.12 -11.88
C ALA A 503 -7.44 -11.23 -12.94
N ARG A 504 -6.35 -12.00 -13.04
CA ARG A 504 -6.36 -13.22 -13.83
C ARG A 504 -7.38 -14.20 -13.29
N TRP A 505 -7.32 -14.47 -11.98
CA TRP A 505 -8.24 -15.38 -11.32
C TRP A 505 -9.46 -14.64 -10.79
N TYR A 506 -10.02 -13.80 -11.65
CA TYR A 506 -11.26 -13.09 -11.31
C TYR A 506 -12.39 -14.08 -11.08
N CYS A 507 -13.21 -13.79 -10.08
CA CYS A 507 -14.34 -14.66 -9.76
C CYS A 507 -15.40 -13.87 -9.01
N LYS A 508 -16.29 -13.21 -9.75
CA LYS A 508 -17.38 -12.47 -9.11
C LYS A 508 -18.23 -13.40 -8.25
N GLU A 509 -18.45 -14.63 -8.72
CA GLU A 509 -19.23 -15.60 -7.95
C GLU A 509 -18.55 -15.92 -6.62
N CYS A 510 -17.22 -16.03 -6.63
CA CYS A 510 -16.49 -16.28 -5.40
C CYS A 510 -16.62 -15.10 -4.43
N ALA A 511 -16.47 -13.88 -4.95
CA ALA A 511 -16.46 -12.71 -4.07
C ALA A 511 -17.82 -12.46 -3.43
N GLU A 512 -18.90 -12.61 -4.19
CA GLU A 512 -20.22 -12.42 -3.61
C GLU A 512 -20.64 -13.58 -2.72
N SER A 513 -20.06 -14.76 -2.93
CA SER A 513 -20.31 -15.87 -2.01
C SER A 513 -19.69 -15.59 -0.65
N VAL A 514 -18.48 -15.02 -0.62
CA VAL A 514 -17.81 -14.71 0.64
C VAL A 514 -18.62 -13.71 1.44
N THR A 515 -19.04 -12.62 0.80
CA THR A 515 -19.84 -11.61 1.49
C THR A 515 -21.19 -12.18 1.93
N ALA A 516 -21.82 -12.99 1.08
CA ALA A 516 -23.11 -13.58 1.44
C ALA A 516 -22.97 -14.44 2.69
N TRP A 517 -21.97 -15.31 2.73
CA TRP A 517 -21.68 -16.08 3.94
C TRP A 517 -21.43 -15.15 5.12
N GLY A 518 -20.64 -14.10 4.91
CA GLY A 518 -20.37 -13.15 5.99
C GLY A 518 -21.62 -12.47 6.50
N ARG A 519 -22.57 -12.20 5.61
CA ARG A 519 -23.83 -11.59 6.03
C ARG A 519 -24.66 -12.59 6.84
N GLN A 520 -24.79 -13.82 6.35
CA GLN A 520 -25.57 -14.82 7.07
C GLN A 520 -24.95 -15.13 8.43
N TYR A 521 -23.62 -15.16 8.51
CA TYR A 521 -22.97 -15.48 9.77
C TYR A 521 -23.22 -14.39 10.82
N ILE A 522 -23.08 -13.12 10.43
CA ILE A 522 -23.24 -12.04 11.39
C ILE A 522 -24.71 -11.83 11.73
N GLU A 523 -25.60 -12.00 10.76
CA GLU A 523 -27.01 -11.75 11.00
C GLU A 523 -27.60 -12.81 11.93
N THR A 524 -27.34 -14.09 11.64
CA THR A 524 -27.84 -15.14 12.51
C THR A 524 -27.19 -15.09 13.88
N THR A 525 -25.92 -14.66 13.95
CA THR A 525 -25.29 -14.49 15.25
C THR A 525 -25.96 -13.40 16.07
N ILE A 526 -26.40 -12.34 15.41
CA ILE A 526 -27.14 -11.27 16.10
C ILE A 526 -28.47 -11.81 16.62
N ARG A 527 -29.22 -12.49 15.76
CA ARG A 527 -30.48 -13.10 16.18
C ARG A 527 -30.28 -14.02 17.38
N GLU A 528 -29.22 -14.82 17.35
CA GLU A 528 -28.98 -15.78 18.43
C GLU A 528 -28.68 -15.07 19.75
N ILE A 529 -27.78 -14.09 19.72
CA ILE A 529 -27.41 -13.42 20.97
C ILE A 529 -28.57 -12.59 21.51
N GLU A 530 -29.47 -12.13 20.64
CA GLU A 530 -30.59 -11.33 21.10
C GLU A 530 -31.72 -12.21 21.64
N GLU A 531 -32.13 -13.21 20.87
CA GLU A 531 -33.28 -14.02 21.25
C GLU A 531 -32.93 -15.03 22.33
N LYS A 532 -31.76 -15.66 22.24
CA LYS A 532 -31.39 -16.71 23.19
C LYS A 532 -30.68 -16.19 24.43
N PHE A 533 -30.05 -15.02 24.36
CA PHE A 533 -29.23 -14.53 25.47
C PHE A 533 -29.68 -13.19 26.02
N GLY A 534 -30.73 -12.58 25.47
CA GLY A 534 -31.21 -11.32 26.00
C GLY A 534 -30.31 -10.14 25.76
N PHE A 535 -29.27 -10.29 24.94
CA PHE A 535 -28.45 -9.15 24.58
C PHE A 535 -29.24 -8.22 23.65
N LYS A 536 -28.84 -6.96 23.64
CA LYS A 536 -29.35 -5.98 22.69
C LYS A 536 -28.19 -5.52 21.82
N VAL A 537 -28.28 -5.78 20.52
CA VAL A 537 -27.23 -5.39 19.58
C VAL A 537 -27.42 -3.92 19.26
N LEU A 538 -26.40 -3.10 19.56
CA LEU A 538 -26.49 -1.66 19.39
C LEU A 538 -26.04 -1.21 18.02
N TYR A 539 -24.98 -1.81 17.49
CA TYR A 539 -24.43 -1.46 16.20
C TYR A 539 -23.73 -2.69 15.65
N ALA A 540 -23.89 -2.94 14.36
CA ALA A 540 -23.28 -4.08 13.71
C ALA A 540 -22.77 -3.67 12.35
N ASP A 541 -21.58 -4.15 12.00
CA ASP A 541 -21.09 -3.95 10.65
C ASP A 541 -20.82 -5.29 9.99
N THR A 542 -19.71 -5.40 9.28
CA THR A 542 -19.51 -6.53 8.37
C THR A 542 -19.25 -7.83 9.15
N ASP A 543 -18.37 -7.77 10.14
CA ASP A 543 -17.95 -8.96 10.86
C ASP A 543 -17.99 -8.81 12.37
N GLY A 544 -18.48 -7.69 12.88
CA GLY A 544 -18.50 -7.47 14.31
C GLY A 544 -19.69 -6.61 14.70
N PHE A 545 -19.97 -6.59 15.99
CA PHE A 545 -21.07 -5.78 16.48
C PHE A 545 -20.83 -5.41 17.94
N PHE A 546 -21.46 -4.31 18.35
CA PHE A 546 -21.51 -3.89 19.73
C PHE A 546 -22.83 -4.32 20.34
N ALA A 547 -22.80 -4.75 21.59
CA ALA A 547 -24.00 -5.29 22.22
C ALA A 547 -23.92 -5.10 23.72
N THR A 548 -25.06 -5.30 24.38
CA THR A 548 -25.15 -5.19 25.82
C THR A 548 -26.43 -5.85 26.29
N ILE A 549 -26.48 -6.16 27.59
CA ILE A 549 -27.70 -6.60 28.24
C ILE A 549 -28.26 -5.40 29.00
N PRO A 550 -29.23 -4.68 28.44
CA PRO A 550 -29.70 -3.43 29.08
C PRO A 550 -30.20 -3.67 30.49
N GLY A 551 -29.63 -2.92 31.43
CA GLY A 551 -29.98 -3.03 32.84
C GLY A 551 -29.04 -3.90 33.65
N ALA A 552 -28.26 -4.75 33.00
CA ALA A 552 -27.31 -5.59 33.72
C ALA A 552 -26.01 -4.84 33.97
N ASP A 553 -25.34 -5.20 35.07
CA ASP A 553 -24.09 -4.56 35.43
C ASP A 553 -22.95 -5.07 34.56
N ALA A 554 -21.78 -4.44 34.74
CA ALA A 554 -20.64 -4.71 33.87
C ALA A 554 -20.24 -6.18 33.90
N GLU A 555 -20.13 -6.75 35.11
CA GLU A 555 -19.69 -8.13 35.22
C GLU A 555 -20.68 -9.09 34.56
N THR A 556 -21.97 -8.87 34.78
CA THR A 556 -22.98 -9.77 34.22
C THR A 556 -22.90 -9.81 32.70
N VAL A 557 -22.84 -8.64 32.05
CA VAL A 557 -22.69 -8.60 30.60
C VAL A 557 -21.38 -9.26 30.18
N LYS A 558 -20.31 -9.02 30.94
CA LYS A 558 -18.99 -9.53 30.60
C LYS A 558 -18.98 -11.05 30.54
N LYS A 559 -19.66 -11.71 31.49
CA LYS A 559 -19.59 -13.17 31.54
C LYS A 559 -20.61 -13.83 30.63
N LYS A 560 -21.80 -13.23 30.47
CA LYS A 560 -22.78 -13.77 29.53
C LYS A 560 -22.25 -13.73 28.10
N ALA A 561 -21.47 -12.70 27.77
CA ALA A 561 -20.87 -12.63 26.45
C ALA A 561 -19.84 -13.73 26.25
N LYS A 562 -19.05 -14.04 27.28
CA LYS A 562 -18.09 -15.12 27.19
C LYS A 562 -18.79 -16.47 27.08
N GLU A 563 -19.87 -16.65 27.84
CA GLU A 563 -20.67 -17.87 27.72
C GLU A 563 -21.25 -18.00 26.32
N PHE A 564 -21.72 -16.88 25.76
CA PHE A 564 -22.26 -16.91 24.40
C PHE A 564 -21.18 -17.27 23.38
N LEU A 565 -19.94 -16.84 23.62
CA LEU A 565 -18.85 -17.14 22.70
C LEU A 565 -18.63 -18.65 22.57
N ASP A 566 -18.60 -19.35 23.70
CA ASP A 566 -18.46 -20.80 23.66
C ASP A 566 -19.67 -21.45 23.03
N TYR A 567 -20.84 -20.81 23.10
CA TYR A 567 -22.07 -21.41 22.59
C TYR A 567 -22.09 -21.41 21.06
N ILE A 568 -21.79 -20.28 20.43
CA ILE A 568 -21.86 -20.22 18.98
C ILE A 568 -20.60 -20.79 18.33
N ASN A 569 -19.44 -20.67 18.99
CA ASN A 569 -18.22 -21.21 18.40
C ASN A 569 -18.28 -22.72 18.24
N ALA A 570 -19.06 -23.40 19.09
CA ALA A 570 -19.34 -24.81 18.92
C ALA A 570 -20.34 -25.08 17.81
N LYS A 571 -21.13 -24.07 17.42
CA LYS A 571 -22.05 -24.19 16.30
C LYS A 571 -21.39 -23.81 14.99
N LEU A 572 -20.45 -22.87 15.01
CA LEU A 572 -19.82 -22.41 13.78
C LEU A 572 -18.86 -23.47 13.25
N PRO A 573 -18.82 -23.69 11.94
CA PRO A 573 -17.97 -24.74 11.38
C PRO A 573 -16.60 -24.21 10.97
N GLY A 574 -15.67 -25.14 10.84
CA GLY A 574 -14.36 -24.84 10.26
C GLY A 574 -13.61 -23.79 11.06
N LEU A 575 -13.23 -22.71 10.38
CA LEU A 575 -12.39 -21.67 10.95
C LEU A 575 -13.17 -20.48 11.49
N LEU A 576 -14.50 -20.54 11.46
CA LEU A 576 -15.31 -19.42 11.91
C LEU A 576 -15.40 -19.40 13.44
N GLU A 577 -15.21 -18.22 14.01
CA GLU A 577 -15.15 -18.08 15.46
C GLU A 577 -15.36 -16.61 15.82
N LEU A 578 -16.18 -16.38 16.83
CA LEU A 578 -16.37 -15.04 17.38
C LEU A 578 -15.36 -14.80 18.49
N GLU A 579 -14.86 -13.58 18.57
CA GLU A 579 -13.85 -13.20 19.56
C GLU A 579 -14.40 -12.12 20.49
N TYR A 580 -14.01 -12.21 21.76
CA TYR A 580 -14.27 -11.16 22.73
C TYR A 580 -13.22 -10.08 22.50
N GLU A 581 -13.62 -9.01 21.82
CA GLU A 581 -12.66 -8.01 21.35
C GLU A 581 -12.49 -6.83 22.30
N GLY A 582 -13.43 -6.59 23.20
CA GLY A 582 -13.26 -5.51 24.16
C GLY A 582 -14.55 -5.14 24.83
N PHE A 583 -14.40 -4.53 26.01
CA PHE A 583 -15.52 -4.04 26.81
C PHE A 583 -15.37 -2.54 27.01
N TYR A 584 -16.49 -1.83 27.03
CA TYR A 584 -16.47 -0.38 27.13
C TYR A 584 -17.56 0.07 28.10
N LYS A 585 -17.20 0.99 29.00
CA LYS A 585 -18.14 1.45 30.03
C LYS A 585 -19.36 2.10 29.41
N ARG A 586 -19.16 3.20 28.70
CA ARG A 586 -20.23 3.92 28.02
C ARG A 586 -19.88 4.05 26.55
N GLY A 587 -20.81 4.62 25.79
CA GLY A 587 -20.61 4.80 24.37
C GLY A 587 -21.90 5.16 23.67
N PHE A 588 -21.78 5.69 22.45
CA PHE A 588 -22.95 6.01 21.67
C PHE A 588 -22.58 5.97 20.20
N PHE A 589 -23.60 5.89 19.35
CA PHE A 589 -23.42 5.61 17.93
C PHE A 589 -24.21 6.66 17.16
N VAL A 590 -23.48 7.58 16.51
CA VAL A 590 -24.13 8.70 15.83
C VAL A 590 -24.90 8.20 14.61
N THR A 591 -24.23 7.45 13.75
CA THR A 591 -24.85 6.90 12.55
C THR A 591 -24.00 5.72 12.10
N LYS A 592 -24.27 5.22 10.89
CA LYS A 592 -23.51 4.10 10.36
C LYS A 592 -22.04 4.48 10.21
N LYS A 593 -21.15 3.59 10.66
CA LYS A 593 -19.70 3.71 10.57
C LYS A 593 -19.14 4.88 11.38
N LYS A 594 -19.92 5.44 12.31
CA LYS A 594 -19.48 6.58 13.11
C LYS A 594 -19.93 6.36 14.55
N TYR A 595 -18.96 6.20 15.46
CA TYR A 595 -19.27 5.86 16.84
C TYR A 595 -18.11 6.27 17.72
N ALA A 596 -18.31 6.12 19.04
CA ALA A 596 -17.29 6.44 20.02
C ALA A 596 -17.67 5.79 21.34
N VAL A 597 -16.71 5.09 21.95
CA VAL A 597 -16.92 4.39 23.21
C VAL A 597 -15.75 4.69 24.14
N ILE A 598 -15.99 4.52 25.44
CA ILE A 598 -14.98 4.73 26.46
C ILE A 598 -14.82 3.44 27.25
N ASP A 599 -13.57 3.05 27.49
CA ASP A 599 -13.28 1.78 28.14
C ASP A 599 -13.14 1.99 29.65
N GLU A 600 -12.81 0.90 30.35
CA GLU A 600 -12.71 0.96 31.81
C GLU A 600 -11.54 1.84 32.26
N GLU A 601 -10.51 1.97 31.41
CA GLU A 601 -9.38 2.85 31.69
C GLU A 601 -9.65 4.28 31.23
N ASP A 602 -10.87 4.57 30.80
CA ASP A 602 -11.32 5.89 30.34
C ASP A 602 -10.59 6.34 29.07
N LYS A 603 -10.06 5.40 28.30
CA LYS A 603 -9.53 5.72 26.98
C LYS A 603 -10.67 5.71 25.97
N ILE A 604 -10.78 6.80 25.20
CA ILE A 604 -11.87 7.00 24.26
C ILE A 604 -11.38 6.58 22.88
N THR A 605 -11.92 5.47 22.38
CA THR A 605 -11.68 5.04 21.00
C THR A 605 -12.92 5.33 20.17
N THR A 606 -12.70 5.77 18.93
CA THR A 606 -13.79 6.18 18.07
C THR A 606 -13.68 5.47 16.72
N GLY A 607 -14.79 5.50 15.98
CA GLY A 607 -14.82 4.93 14.65
C GLY A 607 -15.38 5.90 13.62
N GLY A 608 -14.66 6.08 12.51
CA GLY A 608 -15.15 6.84 11.38
C GLY A 608 -15.43 8.30 11.61
N LEU A 609 -14.93 8.89 12.70
CA LEU A 609 -15.21 10.29 12.98
C LEU A 609 -14.21 11.20 12.28
N GLU A 610 -14.51 12.50 12.32
CA GLU A 610 -13.63 13.50 11.72
C GLU A 610 -12.27 13.54 12.41
N ILE A 611 -12.16 12.96 13.61
CA ILE A 611 -10.88 12.93 14.31
C ILE A 611 -9.82 12.19 13.50
N VAL A 612 -10.20 11.07 12.89
CA VAL A 612 -9.23 10.28 12.13
C VAL A 612 -9.25 10.57 10.63
N ARG A 613 -10.30 11.23 10.13
CA ARG A 613 -10.44 11.43 8.69
C ARG A 613 -9.53 12.54 8.20
N ARG A 614 -8.94 12.33 7.03
CA ARG A 614 -8.26 13.38 6.32
C ARG A 614 -9.28 14.31 5.68
N GLY A 615 -8.92 15.58 5.58
CA GLY A 615 -9.80 16.59 5.03
C GLY A 615 -10.40 17.54 6.04
N TRP A 616 -10.21 17.28 7.34
CA TRP A 616 -10.69 18.16 8.39
C TRP A 616 -9.49 18.81 9.09
N SER A 617 -9.56 20.12 9.27
CA SER A 617 -8.47 20.84 9.90
C SER A 617 -8.25 20.35 11.33
N GLU A 618 -7.06 20.64 11.86
CA GLU A 618 -6.73 20.15 13.19
C GLU A 618 -7.59 20.80 14.26
N ILE A 619 -7.90 22.08 14.10
CA ILE A 619 -8.77 22.75 15.06
C ILE A 619 -10.17 22.14 15.03
N ALA A 620 -10.56 21.56 13.90
CA ALA A 620 -11.80 20.79 13.85
C ALA A 620 -11.63 19.44 14.53
N LYS A 621 -10.50 18.77 14.29
CA LYS A 621 -10.22 17.50 14.96
C LYS A 621 -10.10 17.70 16.47
N GLU A 622 -9.49 18.80 16.90
CA GLU A 622 -9.29 19.04 18.33
C GLU A 622 -10.61 19.31 19.03
N THR A 623 -11.48 20.11 18.42
CA THR A 623 -12.74 20.49 19.07
C THR A 623 -13.65 19.28 19.24
N GLN A 624 -13.73 18.41 18.23
CA GLN A 624 -14.55 17.21 18.37
C GLN A 624 -14.01 16.30 19.46
N ALA A 625 -12.68 16.22 19.59
CA ALA A 625 -12.08 15.39 20.62
C ALA A 625 -12.45 15.88 22.02
N ARG A 626 -12.34 17.19 22.24
CA ARG A 626 -12.66 17.74 23.56
C ARG A 626 -14.14 17.63 23.89
N VAL A 627 -15.01 17.77 22.89
CA VAL A 627 -16.44 17.60 23.10
C VAL A 627 -16.74 16.14 23.46
N LEU A 628 -16.08 15.20 22.76
CA LEU A 628 -16.24 13.79 23.10
C LEU A 628 -15.74 13.50 24.51
N GLU A 629 -14.67 14.19 24.93
CA GLU A 629 -14.20 14.07 26.30
C GLU A 629 -15.28 14.52 27.28
N ALA A 630 -15.83 15.72 27.06
CA ALA A 630 -16.83 16.26 27.97
C ALA A 630 -18.10 15.42 28.00
N LEU A 631 -18.36 14.63 26.97
CA LEU A 631 -19.57 13.81 26.90
C LEU A 631 -19.34 12.43 27.48
N LEU A 632 -18.38 11.68 26.92
CA LEU A 632 -18.21 10.29 27.30
C LEU A 632 -17.51 10.12 28.64
N LYS A 633 -16.69 11.10 29.05
CA LYS A 633 -15.99 11.02 30.32
C LYS A 633 -16.73 11.77 31.42
N ASP A 634 -16.87 13.09 31.28
CA ASP A 634 -17.48 13.92 32.31
C ASP A 634 -18.99 13.99 32.22
N GLY A 635 -19.57 13.61 31.07
CA GLY A 635 -21.02 13.68 30.93
C GLY A 635 -21.58 15.07 31.09
N ASP A 636 -20.88 16.08 30.60
CA ASP A 636 -21.27 17.48 30.74
C ASP A 636 -21.58 18.03 29.36
N VAL A 637 -22.88 18.05 29.02
CA VAL A 637 -23.30 18.60 27.73
C VAL A 637 -23.00 20.09 27.67
N GLU A 638 -23.15 20.80 28.78
CA GLU A 638 -22.94 22.24 28.78
C GLU A 638 -21.45 22.59 28.66
N LYS A 639 -20.57 21.78 29.23
CA LYS A 639 -19.13 22.03 29.10
C LYS A 639 -18.70 21.98 27.64
N ALA A 640 -19.17 20.98 26.90
CA ALA A 640 -18.83 20.86 25.48
C ALA A 640 -19.30 22.08 24.69
N VAL A 641 -20.43 22.67 25.07
CA VAL A 641 -20.90 23.88 24.40
C VAL A 641 -19.95 25.04 24.67
N ARG A 642 -19.46 25.16 25.90
CA ARG A 642 -18.53 26.23 26.23
C ARG A 642 -17.20 26.06 25.49
N ILE A 643 -16.77 24.82 25.28
CA ILE A 643 -15.56 24.58 24.50
C ILE A 643 -15.77 25.01 23.06
N VAL A 644 -16.90 24.64 22.47
CA VAL A 644 -17.19 24.99 21.08
C VAL A 644 -17.25 26.51 20.91
N LYS A 645 -18.05 27.17 21.75
CA LYS A 645 -18.22 28.62 21.61
C LYS A 645 -16.92 29.37 21.85
N GLU A 646 -16.05 28.84 22.72
CA GLU A 646 -14.77 29.49 22.96
C GLU A 646 -13.83 29.30 21.78
N VAL A 647 -13.82 28.09 21.19
CA VAL A 647 -12.98 27.84 20.02
C VAL A 647 -13.45 28.70 18.84
N THR A 648 -14.77 28.85 18.67
CA THR A 648 -15.28 29.69 17.61
C THR A 648 -14.92 31.15 17.83
N GLU A 649 -14.82 31.58 19.09
CA GLU A 649 -14.38 32.95 19.35
C GLU A 649 -12.89 33.11 19.08
N LYS A 650 -12.11 32.05 19.30
CA LYS A 650 -10.70 32.09 18.92
C LYS A 650 -10.54 32.28 17.41
N LEU A 651 -11.41 31.63 16.63
CA LEU A 651 -11.32 31.76 15.18
C LEU A 651 -11.69 33.17 14.73
N SER A 652 -12.70 33.78 15.36
CA SER A 652 -13.13 35.12 14.97
C SER A 652 -12.11 36.18 15.34
N LYS A 653 -11.37 35.99 16.44
CA LYS A 653 -10.32 36.92 16.84
C LYS A 653 -8.98 36.60 16.20
N TYR A 654 -8.93 35.63 15.30
CA TYR A 654 -7.69 35.21 14.65
C TYR A 654 -6.63 34.83 15.68
N GLU A 655 -7.07 34.19 16.76
CA GLU A 655 -6.18 33.77 17.84
C GLU A 655 -5.69 32.34 17.67
N VAL A 656 -5.96 31.72 16.53
CA VAL A 656 -5.58 30.32 16.30
C VAL A 656 -4.32 30.28 15.44
N PRO A 657 -3.40 29.36 15.71
CA PRO A 657 -2.26 29.17 14.82
C PRO A 657 -2.73 28.65 13.47
N PRO A 658 -2.21 29.19 12.36
CA PRO A 658 -2.56 28.65 11.04
C PRO A 658 -2.11 27.22 10.84
N GLU A 659 -1.33 26.67 11.77
CA GLU A 659 -0.91 25.27 11.68
C GLU A 659 -2.09 24.33 11.93
N LYS A 660 -2.95 24.67 12.89
CA LYS A 660 -4.17 23.91 13.15
C LYS A 660 -5.25 24.15 12.10
N LEU A 661 -4.92 24.85 11.02
CA LEU A 661 -5.91 25.33 10.07
C LEU A 661 -5.79 24.64 8.72
N VAL A 662 -4.88 23.70 8.57
CA VAL A 662 -4.56 23.11 7.28
C VAL A 662 -5.50 21.94 6.98
N ILE A 663 -5.93 21.85 5.73
CA ILE A 663 -6.77 20.76 5.25
C ILE A 663 -5.94 19.92 4.28
N HIS A 664 -5.83 18.63 4.57
CA HIS A 664 -5.10 17.70 3.72
C HIS A 664 -6.08 16.88 2.88
N GLU A 665 -5.78 16.76 1.59
CA GLU A 665 -6.63 15.99 0.68
C GLU A 665 -5.78 15.47 -0.48
N GLN A 666 -6.08 14.25 -0.91
CA GLN A 666 -5.28 13.55 -1.89
C GLN A 666 -5.96 13.55 -3.27
N ILE A 667 -5.12 13.62 -4.31
CA ILE A 667 -5.58 13.42 -5.69
C ILE A 667 -5.58 11.93 -6.00
N THR A 668 -6.62 11.48 -6.69
CA THR A 668 -6.80 10.06 -6.99
C THR A 668 -6.72 9.74 -8.47
N ARG A 669 -6.40 10.73 -9.32
CA ARG A 669 -6.40 10.52 -10.77
C ARG A 669 -5.51 11.58 -11.40
N ASP A 670 -5.54 11.65 -12.73
CA ASP A 670 -4.86 12.72 -13.44
C ASP A 670 -5.70 13.99 -13.39
N LEU A 671 -5.03 15.13 -13.21
CA LEU A 671 -5.74 16.39 -13.03
C LEU A 671 -6.65 16.69 -14.21
N ARG A 672 -6.23 16.31 -15.42
CA ARG A 672 -7.05 16.49 -16.61
C ARG A 672 -8.29 15.60 -16.62
N ASP A 673 -8.34 14.59 -15.76
CA ASP A 673 -9.45 13.64 -15.74
C ASP A 673 -10.49 13.98 -14.68
N TYR A 674 -10.35 15.09 -13.97
CA TYR A 674 -11.31 15.49 -12.96
C TYR A 674 -12.52 16.14 -13.63
N LYS A 675 -13.70 15.55 -13.43
CA LYS A 675 -14.92 16.14 -13.96
C LYS A 675 -15.25 17.44 -13.25
N ALA A 676 -15.46 17.38 -11.93
CA ALA A 676 -15.63 18.56 -11.10
C ALA A 676 -14.31 18.93 -10.45
N THR A 677 -14.19 20.21 -10.08
CA THR A 677 -12.96 20.75 -9.50
C THR A 677 -13.28 21.25 -8.09
N GLY A 678 -12.79 20.53 -7.09
CA GLY A 678 -12.95 20.92 -5.72
C GLY A 678 -11.79 21.76 -5.23
N PRO A 679 -11.82 22.18 -3.97
CA PRO A 679 -10.76 23.07 -3.45
C PRO A 679 -9.37 22.49 -3.59
N HIS A 680 -9.17 21.23 -3.19
CA HIS A 680 -7.84 20.63 -3.32
C HIS A 680 -7.46 20.43 -4.78
N VAL A 681 -8.46 20.25 -5.66
CA VAL A 681 -8.16 20.09 -7.09
C VAL A 681 -7.90 21.44 -7.74
N ALA A 682 -8.64 22.48 -7.32
CA ALA A 682 -8.38 23.82 -7.85
C ALA A 682 -6.98 24.29 -7.45
N VAL A 683 -6.57 23.98 -6.23
CA VAL A 683 -5.21 24.30 -5.81
C VAL A 683 -4.21 23.46 -6.59
N ALA A 684 -4.43 22.14 -6.66
CA ALA A 684 -3.51 21.25 -7.37
C ALA A 684 -3.37 21.65 -8.83
N LYS A 685 -4.46 22.07 -9.47
CA LYS A 685 -4.36 22.53 -10.85
C LYS A 685 -3.49 23.77 -10.96
N ARG A 686 -3.39 24.56 -9.89
CA ARG A 686 -2.54 25.74 -9.92
C ARG A 686 -1.06 25.37 -9.83
N LEU A 687 -0.69 24.53 -8.87
CA LEU A 687 0.70 24.09 -8.77
C LEU A 687 1.13 23.33 -10.02
N ALA A 688 0.18 22.67 -10.71
CA ALA A 688 0.51 22.05 -11.98
C ALA A 688 0.94 23.08 -13.01
N ALA A 689 0.31 24.26 -12.99
CA ALA A 689 0.68 25.34 -13.89
C ALA A 689 1.94 26.06 -13.44
N ARG A 690 2.31 25.96 -12.16
CA ARG A 690 3.50 26.62 -11.64
C ARG A 690 4.75 25.76 -11.75
N GLY A 691 4.64 24.53 -12.25
CA GLY A 691 5.76 23.62 -12.43
C GLY A 691 5.79 22.47 -11.46
N VAL A 692 5.11 22.57 -10.32
CA VAL A 692 5.11 21.50 -9.34
C VAL A 692 4.33 20.31 -9.90
N LYS A 693 5.02 19.18 -10.05
CA LYS A 693 4.39 17.98 -10.56
C LYS A 693 3.42 17.41 -9.52
N ILE A 694 2.19 17.14 -9.96
CA ILE A 694 1.18 16.51 -9.13
C ILE A 694 0.71 15.24 -9.83
N ARG A 695 0.61 14.15 -9.08
CA ARG A 695 0.29 12.84 -9.59
C ARG A 695 -0.65 12.16 -8.61
N PRO A 696 -1.51 11.22 -9.09
CA PRO A 696 -2.27 10.37 -8.17
C PRO A 696 -1.48 9.92 -6.95
N GLY A 697 -1.94 10.33 -5.77
CA GLY A 697 -1.24 10.09 -4.52
C GLY A 697 -0.76 11.35 -3.82
N THR A 698 -0.65 12.47 -4.54
CA THR A 698 -0.24 13.72 -3.95
C THR A 698 -1.27 14.19 -2.93
N VAL A 699 -0.79 14.65 -1.78
CA VAL A 699 -1.64 15.18 -0.73
C VAL A 699 -1.50 16.70 -0.73
N ILE A 700 -2.61 17.39 -0.98
CA ILE A 700 -2.66 18.84 -0.93
C ILE A 700 -2.91 19.29 0.50
N SER A 701 -2.15 20.28 0.95
CA SER A 701 -2.31 20.89 2.27
C SER A 701 -2.60 22.37 2.04
N TYR A 702 -3.86 22.75 2.17
CA TYR A 702 -4.28 24.11 1.83
C TYR A 702 -5.02 24.75 3.00
N ILE A 703 -5.11 26.08 2.94
CA ILE A 703 -5.85 26.89 3.89
C ILE A 703 -6.81 27.78 3.11
N VAL A 704 -8.03 27.92 3.63
CA VAL A 704 -9.06 28.72 2.98
C VAL A 704 -8.91 30.17 3.44
N LEU A 705 -8.72 31.07 2.49
CA LEU A 705 -8.54 32.48 2.78
C LEU A 705 -9.87 33.21 2.81
N LYS A 706 -9.88 34.37 3.47
CA LYS A 706 -11.10 35.16 3.60
C LYS A 706 -11.59 35.60 2.22
N GLY A 707 -12.85 35.31 1.94
CA GLY A 707 -13.45 35.68 0.67
C GLY A 707 -14.89 35.25 0.63
N SER A 708 -15.52 35.49 -0.52
CA SER A 708 -16.90 35.11 -0.75
C SER A 708 -17.00 34.39 -2.08
N GLY A 709 -17.51 33.16 -2.07
CA GLY A 709 -17.67 32.40 -3.29
C GLY A 709 -17.25 30.96 -3.16
N ARG A 710 -16.73 30.38 -4.24
CA ARG A 710 -16.29 28.99 -4.20
C ARG A 710 -15.10 28.83 -3.25
N ILE A 711 -15.11 27.71 -2.52
CA ILE A 711 -14.02 27.44 -1.59
C ILE A 711 -12.69 27.34 -2.32
N GLY A 712 -12.69 26.71 -3.50
CA GLY A 712 -11.48 26.55 -4.29
C GLY A 712 -10.89 27.85 -4.78
N ASP A 713 -11.71 28.90 -4.90
CA ASP A 713 -11.18 30.19 -5.34
C ASP A 713 -10.29 30.81 -4.28
N ARG A 714 -10.67 30.71 -3.00
CA ARG A 714 -9.94 31.32 -1.91
C ARG A 714 -9.01 30.35 -1.19
N ALA A 715 -8.73 29.20 -1.79
CA ALA A 715 -7.85 28.21 -1.19
C ALA A 715 -6.41 28.46 -1.64
N ILE A 716 -5.48 28.34 -0.69
CA ILE A 716 -4.06 28.54 -0.95
C ILE A 716 -3.27 27.45 -0.24
N SER A 717 -2.21 26.98 -0.88
CA SER A 717 -1.40 25.92 -0.30
C SER A 717 -0.66 26.42 0.94
N PHE A 718 -0.41 25.49 1.88
CA PHE A 718 0.20 25.87 3.15
C PHE A 718 1.61 26.41 2.97
N ASP A 719 2.30 26.02 1.89
CA ASP A 719 3.65 26.50 1.66
C ASP A 719 3.67 28.01 1.46
N GLU A 720 2.89 28.51 0.51
CA GLU A 720 2.86 29.92 0.19
C GLU A 720 2.04 30.76 1.16
N PHE A 721 1.52 30.15 2.23
CA PHE A 721 0.70 30.90 3.17
C PHE A 721 1.58 31.79 4.04
N ASP A 722 1.17 33.05 4.17
CA ASP A 722 1.85 34.01 5.05
C ASP A 722 0.83 34.57 6.03
N PRO A 723 0.98 34.31 7.34
CA PRO A 723 -0.02 34.79 8.29
C PRO A 723 -0.13 36.30 8.36
N ALA A 724 0.95 37.03 8.05
CA ALA A 724 0.90 38.48 8.05
C ALA A 724 0.15 39.01 6.83
N LYS A 725 0.43 38.44 5.65
CA LYS A 725 -0.21 38.92 4.43
C LYS A 725 -1.59 38.30 4.24
N HIS A 726 -1.70 36.98 4.43
CA HIS A 726 -2.93 36.26 4.17
C HIS A 726 -3.76 36.14 5.44
N LYS A 727 -5.07 36.37 5.30
CA LYS A 727 -6.03 36.20 6.40
C LYS A 727 -6.98 35.08 6.03
N TYR A 728 -7.05 34.06 6.87
CA TYR A 728 -7.95 32.93 6.60
C TYR A 728 -9.41 33.36 6.77
N ASP A 729 -10.29 32.53 6.21
CA ASP A 729 -11.73 32.75 6.34
C ASP A 729 -12.17 32.26 7.70
N ALA A 730 -12.33 33.18 8.65
CA ALA A 730 -12.78 32.81 9.99
C ALA A 730 -14.16 32.20 9.96
N GLU A 731 -15.05 32.74 9.13
CA GLU A 731 -16.41 32.23 9.06
C GLU A 731 -16.46 30.81 8.48
N TYR A 732 -15.59 30.53 7.51
CA TYR A 732 -15.60 29.20 6.90
C TYR A 732 -15.19 28.12 7.89
N TYR A 733 -14.12 28.37 8.64
CA TYR A 733 -13.63 27.36 9.58
C TYR A 733 -14.58 27.19 10.76
N ILE A 734 -15.30 28.26 11.13
CA ILE A 734 -16.31 28.14 12.18
C ILE A 734 -17.47 27.29 11.68
N GLU A 735 -18.07 27.68 10.56
CA GLU A 735 -19.34 27.12 10.13
C GLU A 735 -19.21 25.85 9.30
N ASN A 736 -18.07 25.63 8.63
CA ASN A 736 -17.91 24.46 7.78
C ASN A 736 -16.93 23.44 8.34
N GLN A 737 -16.04 23.83 9.25
CA GLN A 737 -15.03 22.93 9.79
C GLN A 737 -15.31 22.52 11.22
N VAL A 738 -15.41 23.48 12.14
CA VAL A 738 -15.51 23.16 13.56
C VAL A 738 -16.92 22.71 13.92
N LEU A 739 -17.92 23.46 13.48
CA LEU A 739 -19.27 23.30 14.05
C LEU A 739 -19.99 22.04 13.58
N PRO A 740 -20.01 21.69 12.29
CA PRO A 740 -20.82 20.53 11.86
C PRO A 740 -20.43 19.23 12.55
N PRO A 741 -19.13 18.90 12.71
CA PRO A 741 -18.80 17.63 13.38
C PRO A 741 -19.30 17.55 14.82
N VAL A 742 -19.29 18.65 15.56
CA VAL A 742 -19.78 18.60 16.93
C VAL A 742 -21.30 18.75 16.97
N GLU A 743 -21.88 19.47 16.01
CA GLU A 743 -23.34 19.56 15.95
C GLU A 743 -23.96 18.20 15.74
N ARG A 744 -23.39 17.40 14.84
CA ARG A 744 -23.99 16.11 14.49
C ARG A 744 -24.13 15.21 15.71
N ILE A 745 -23.31 15.44 16.74
CA ILE A 745 -23.58 14.87 18.05
C ILE A 745 -24.67 15.70 18.69
N LEU A 746 -25.91 15.49 18.24
CA LEU A 746 -27.03 16.30 18.69
C LEU A 746 -28.02 15.48 19.51
N ARG A 747 -27.51 14.76 20.51
CA ARG A 747 -28.40 14.11 21.47
C ARG A 747 -29.29 15.13 22.15
N ALA A 748 -28.72 16.26 22.55
CA ALA A 748 -29.48 17.44 22.96
C ALA A 748 -29.48 18.46 21.82
N CYS A 749 -30.45 19.36 21.85
CA CYS A 749 -30.63 20.31 20.76
C CYS A 749 -29.43 21.25 20.68
N GLY A 750 -29.33 21.94 19.54
CA GLY A 750 -28.24 22.87 19.30
C GLY A 750 -28.25 23.48 17.91
P YTI C 12 -14.70 -1.88 11.73
O1P YTI C 12 -13.28 -1.90 12.21
O2P YTI C 12 -15.76 -2.44 12.61
C4' YTI C 12 -16.55 -2.76 9.16
O4' YTI C 12 -16.11 -2.51 7.82
C3' YTI C 12 -15.51 -3.75 9.78
O3' YTI C 12 -14.46 -3.20 10.32
C2' YTI C 12 -15.04 -4.56 8.50
C1' YTI C 12 -15.43 -3.59 7.35
N1 YTI C 12 -14.13 -3.06 6.58
C2 YTI C 12 -14.12 -3.17 5.17
O2 YTI C 12 -15.05 -3.64 4.51
N3 YTI C 12 -12.94 -2.67 4.50
C4 YTI C 12 -11.84 -2.11 5.24
O4 YTI C 12 -10.86 -1.71 4.60
C5 YTI C 12 -11.92 -2.04 6.74
C6 YTI C 12 -13.06 -2.51 7.33
C5M YTI C 12 -10.69 -1.41 7.47
N1 9O7 D . -10.06 -5.32 1.82
C2 9O7 D . -11.02 -6.34 1.72
N3 9O7 D . -11.72 -6.89 2.74
C4 9O7 D . -11.41 -6.36 4.00
C5 9O7 D . -10.45 -5.32 4.22
C6 9O7 D . -9.76 -4.80 3.07
N6 9O7 D . -8.80 -3.78 3.16
N7 9O7 D . -10.38 -5.01 5.60
C8 9O7 D . -11.26 -5.83 6.22
N9 9O7 D . -11.92 -6.66 5.28
PA 9O7 D . -11.61 -6.80 9.90
PB 9O7 D . -10.40 -9.57 9.79
PG 9O7 D . -9.53 -9.53 12.73
C1' 9O7 D . -12.91 -7.64 5.73
O1A 9O7 D . -12.35 -7.12 11.18
O1B 9O7 D . -9.94 -10.07 8.43
C2' 9O7 D . -12.47 -8.41 7.04
O2' 9O7 D . -12.60 -9.80 6.82
O2A 9O7 D . -11.40 -5.34 9.61
O2B 9O7 D . -11.87 -9.74 10.08
O2G 9O7 D . -8.79 -10.71 13.30
C3' 9O7 D . -13.55 -7.95 8.09
O3' 9O7 D . -13.10 -6.86 8.75
O3A 9O7 D . -10.54 -7.81 9.43
O3B 9O7 D . -9.44 -9.91 10.95
O3G 9O7 D . -8.82 -8.18 12.88
C4' 9O7 D . -14.71 -7.67 7.06
O4' 9O7 D . -14.08 -6.96 6.02
O1G 9O7 D . -10.97 -9.45 13.22
MG MG E . -12.87 -9.53 12.27
I IOD F . -6.24 -11.98 8.44
CL CL G . 25.74 -20.97 -18.86
#